data_2CW1
#
_entry.id   2CW1
#
_entity_poly.entity_id   1
_entity_poly.type   'polypeptide(L)'
_entity_poly.pdbx_seq_one_letter_code
;MRKKLDLKKFVEDKNQEYAARALGLSQKLIEEVLKRGLPVYVETNKDGNIKVYITQDGITQPFPP
;
_entity_poly.pdbx_strand_id   A
#
# COMPACT_ATOMS: atom_id res chain seq x y z
N MET A 1 4.76 2.63 -9.96
CA MET A 1 5.27 2.31 -11.32
C MET A 1 4.20 1.64 -12.17
N ARG A 2 3.07 2.33 -12.33
CA ARG A 2 1.95 1.81 -13.12
C ARG A 2 1.34 0.56 -12.50
N LYS A 3 1.89 0.14 -11.36
CA LYS A 3 1.38 -1.03 -10.68
C LYS A 3 0.44 -0.61 -9.55
N LYS A 4 -0.81 -0.38 -9.91
CA LYS A 4 -1.82 0.04 -8.96
C LYS A 4 -2.86 -1.06 -8.78
N LEU A 5 -3.40 -1.18 -7.58
CA LEU A 5 -4.40 -2.20 -7.33
C LEU A 5 -5.31 -1.82 -6.17
N ASP A 6 -6.50 -2.40 -6.16
CA ASP A 6 -7.47 -2.16 -5.11
C ASP A 6 -6.92 -2.66 -3.77
N LEU A 7 -6.21 -1.81 -3.03
CA LEU A 7 -5.63 -2.20 -1.75
C LEU A 7 -6.61 -3.05 -0.95
N LYS A 8 -7.90 -2.77 -1.10
CA LYS A 8 -8.93 -3.52 -0.40
C LYS A 8 -8.81 -5.00 -0.72
N LYS A 9 -8.68 -5.31 -2.02
CA LYS A 9 -8.55 -6.70 -2.46
C LYS A 9 -7.29 -7.32 -1.86
N PHE A 10 -6.22 -6.53 -1.76
CA PHE A 10 -4.96 -7.02 -1.21
C PHE A 10 -5.12 -7.33 0.27
N VAL A 11 -5.80 -6.44 0.97
CA VAL A 11 -6.08 -6.61 2.40
C VAL A 11 -7.01 -7.79 2.61
N GLU A 12 -7.95 -7.92 1.71
CA GLU A 12 -8.95 -8.99 1.76
C GLU A 12 -8.31 -10.38 1.78
N ASP A 13 -7.04 -10.45 1.39
CA ASP A 13 -6.34 -11.73 1.38
C ASP A 13 -6.29 -12.33 2.79
N LYS A 14 -6.14 -11.46 3.78
CA LYS A 14 -6.10 -11.87 5.18
C LYS A 14 -6.74 -10.81 6.05
N ASN A 15 -6.21 -9.59 5.95
CA ASN A 15 -6.69 -8.43 6.69
C ASN A 15 -5.68 -7.30 6.51
N GLN A 16 -5.60 -6.39 7.47
CA GLN A 16 -4.65 -5.28 7.38
C GLN A 16 -3.27 -5.69 7.85
N GLU A 17 -3.17 -6.83 8.51
CA GLU A 17 -1.90 -7.31 9.02
C GLU A 17 -1.00 -7.75 7.86
N TYR A 18 -1.57 -8.52 6.94
CA TYR A 18 -0.83 -9.01 5.78
C TYR A 18 -0.43 -7.85 4.88
N ALA A 19 -1.37 -6.95 4.67
CA ALA A 19 -1.15 -5.80 3.83
C ALA A 19 -0.09 -4.88 4.44
N ALA A 20 -0.09 -4.81 5.77
CA ALA A 20 0.87 -3.98 6.49
C ALA A 20 2.20 -4.71 6.63
N ARG A 21 2.15 -6.04 6.56
CA ARG A 21 3.33 -6.86 6.66
C ARG A 21 4.13 -6.82 5.37
N ALA A 22 3.41 -6.90 4.25
CA ALA A 22 4.02 -6.87 2.94
C ALA A 22 4.45 -5.46 2.56
N LEU A 23 3.61 -4.48 2.90
CA LEU A 23 3.91 -3.08 2.61
C LEU A 23 4.66 -2.44 3.78
N GLY A 24 4.99 -1.16 3.63
CA GLY A 24 5.70 -0.45 4.66
C GLY A 24 4.92 0.75 5.18
N LEU A 25 4.00 0.51 6.11
CA LEU A 25 3.19 1.58 6.68
C LEU A 25 2.41 1.06 7.89
N SER A 26 1.90 1.99 8.70
CA SER A 26 1.13 1.61 9.89
C SER A 26 -0.26 1.14 9.51
N GLN A 27 -0.97 0.54 10.47
CA GLN A 27 -2.32 0.04 10.22
C GLN A 27 -3.29 1.18 9.98
N LYS A 28 -3.25 2.19 10.85
CA LYS A 28 -4.12 3.36 10.69
C LYS A 28 -3.97 3.92 9.30
N LEU A 29 -2.72 4.04 8.87
CA LEU A 29 -2.45 4.57 7.55
C LEU A 29 -3.10 3.69 6.50
N ILE A 30 -2.99 2.38 6.67
CA ILE A 30 -3.58 1.44 5.77
C ILE A 30 -5.08 1.68 5.68
N GLU A 31 -5.64 2.13 6.77
CA GLU A 31 -7.05 2.42 6.83
C GLU A 31 -7.33 3.62 5.94
N GLU A 32 -6.49 4.62 6.06
CA GLU A 32 -6.60 5.84 5.27
C GLU A 32 -6.66 5.52 3.78
N VAL A 33 -5.79 4.61 3.37
CA VAL A 33 -5.70 4.21 1.97
C VAL A 33 -6.80 3.22 1.58
N LEU A 34 -7.09 2.30 2.50
CA LEU A 34 -8.09 1.27 2.28
C LEU A 34 -9.53 1.80 2.32
N LYS A 35 -9.93 2.38 3.44
CA LYS A 35 -11.29 2.90 3.61
C LYS A 35 -11.56 4.06 2.65
N ARG A 36 -10.58 4.96 2.50
CA ARG A 36 -10.75 6.11 1.61
C ARG A 36 -10.49 5.73 0.15
N GLY A 37 -9.96 4.53 -0.06
CA GLY A 37 -9.68 4.07 -1.40
C GLY A 37 -8.85 5.07 -2.19
N LEU A 38 -7.64 5.33 -1.73
CA LEU A 38 -6.75 6.27 -2.39
C LEU A 38 -5.89 5.54 -3.43
N PRO A 39 -5.36 6.22 -4.46
CA PRO A 39 -4.53 5.56 -5.47
C PRO A 39 -3.22 5.06 -4.87
N VAL A 40 -3.18 3.78 -4.50
CA VAL A 40 -1.97 3.21 -3.91
C VAL A 40 -1.29 2.21 -4.86
N TYR A 41 0.05 2.28 -4.94
CA TYR A 41 0.81 1.39 -5.81
C TYR A 41 1.81 0.60 -4.97
N VAL A 42 2.20 -0.57 -5.45
CA VAL A 42 3.17 -1.40 -4.75
C VAL A 42 4.14 -2.05 -5.75
N GLU A 43 5.40 -1.65 -5.67
CA GLU A 43 6.44 -2.17 -6.57
C GLU A 43 7.42 -3.08 -5.81
N THR A 44 7.15 -4.38 -5.81
CA THR A 44 7.99 -5.34 -5.08
C THR A 44 9.36 -5.48 -5.70
N ASN A 45 10.33 -5.88 -4.87
CA ASN A 45 11.71 -6.05 -5.32
C ASN A 45 11.99 -7.51 -5.65
N LYS A 46 12.07 -8.36 -4.62
CA LYS A 46 12.35 -9.77 -4.82
C LYS A 46 12.11 -10.56 -3.53
N ASP A 47 13.01 -10.36 -2.57
CA ASP A 47 12.93 -11.04 -1.29
C ASP A 47 11.61 -10.74 -0.57
N GLY A 48 10.92 -9.70 -1.01
CA GLY A 48 9.66 -9.34 -0.40
C GLY A 48 9.55 -7.84 -0.16
N ASN A 49 10.68 -7.16 -0.14
CA ASN A 49 10.71 -5.72 0.09
C ASN A 49 9.99 -5.00 -1.03
N ILE A 50 9.02 -4.15 -0.69
CA ILE A 50 8.29 -3.43 -1.69
C ILE A 50 8.01 -1.99 -1.27
N LYS A 51 7.78 -1.14 -2.26
CA LYS A 51 7.49 0.26 -2.03
C LYS A 51 5.99 0.50 -2.19
N VAL A 52 5.50 1.62 -1.68
CA VAL A 52 4.08 1.92 -1.78
C VAL A 52 3.86 3.27 -2.47
N TYR A 53 4.03 3.31 -3.79
CA TYR A 53 3.82 4.55 -4.53
C TYR A 53 2.36 4.99 -4.45
N ILE A 54 2.02 5.69 -3.38
CA ILE A 54 0.65 6.16 -3.17
C ILE A 54 0.47 7.57 -3.74
N THR A 55 -0.77 7.97 -4.02
CA THR A 55 -1.04 9.28 -4.58
C THR A 55 -1.73 10.21 -3.57
N GLN A 56 -0.98 11.15 -3.01
CA GLN A 56 -1.52 12.10 -2.06
C GLN A 56 -0.76 13.41 -2.13
N ASP A 57 -1.47 14.53 -1.97
CA ASP A 57 -0.85 15.85 -2.03
C ASP A 57 -0.34 16.13 -3.44
N GLY A 58 -0.66 15.24 -4.37
CA GLY A 58 -0.24 15.41 -5.76
C GLY A 58 1.11 14.78 -6.07
N ILE A 59 1.53 13.80 -5.25
CA ILE A 59 2.80 13.13 -5.47
C ILE A 59 2.70 11.63 -5.18
N THR A 60 3.56 10.85 -5.84
CA THR A 60 3.57 9.41 -5.66
C THR A 60 4.75 9.01 -4.74
N GLN A 61 4.52 9.05 -3.43
CA GLN A 61 5.57 8.70 -2.47
C GLN A 61 5.50 7.22 -2.07
N PRO A 62 6.66 6.52 -2.09
CA PRO A 62 6.72 5.11 -1.72
C PRO A 62 6.89 4.91 -0.21
N PHE A 63 5.78 5.07 0.52
CA PHE A 63 5.76 4.92 1.98
C PHE A 63 6.99 4.16 2.50
N PRO A 64 8.08 4.88 2.83
CA PRO A 64 9.31 4.28 3.32
C PRO A 64 9.55 4.45 4.83
N PRO A 65 8.52 4.30 5.69
CA PRO A 65 8.69 4.46 7.14
C PRO A 65 9.28 3.22 7.80
N MET A 1 6.00 0.62 -14.73
CA MET A 1 5.43 0.11 -13.46
C MET A 1 3.92 -0.06 -13.58
N ARG A 2 3.18 1.01 -13.30
CA ARG A 2 1.72 0.98 -13.37
C ARG A 2 1.15 -0.17 -12.54
N LYS A 3 1.71 -0.37 -11.35
CA LYS A 3 1.25 -1.44 -10.47
C LYS A 3 0.38 -0.86 -9.36
N LYS A 4 -0.81 -0.39 -9.75
CA LYS A 4 -1.76 0.19 -8.83
C LYS A 4 -2.74 -0.87 -8.32
N LEU A 5 -2.54 -1.35 -7.09
CA LEU A 5 -3.41 -2.35 -6.51
C LEU A 5 -4.35 -1.75 -5.48
N ASP A 6 -5.65 -1.98 -5.66
CA ASP A 6 -6.64 -1.48 -4.73
C ASP A 6 -6.29 -1.95 -3.31
N LEU A 7 -5.80 -1.07 -2.45
CA LEU A 7 -5.44 -1.47 -1.09
C LEU A 7 -6.51 -2.37 -0.50
N LYS A 8 -7.75 -2.16 -0.92
CA LYS A 8 -8.87 -2.97 -0.45
C LYS A 8 -8.68 -4.42 -0.90
N LYS A 9 -8.34 -4.60 -2.17
CA LYS A 9 -8.13 -5.95 -2.71
C LYS A 9 -6.85 -6.57 -2.17
N PHE A 10 -5.78 -5.77 -2.07
CA PHE A 10 -4.51 -6.26 -1.57
C PHE A 10 -4.65 -6.72 -0.12
N VAL A 11 -5.44 -5.99 0.64
CA VAL A 11 -5.68 -6.32 2.04
C VAL A 11 -6.58 -7.54 2.14
N GLU A 12 -7.67 -7.49 1.39
CA GLU A 12 -8.66 -8.55 1.36
C GLU A 12 -8.02 -9.92 1.16
N ASP A 13 -6.80 -9.94 0.63
CA ASP A 13 -6.08 -11.19 0.42
C ASP A 13 -6.08 -12.02 1.70
N LYS A 14 -5.89 -11.33 2.82
CA LYS A 14 -5.91 -11.96 4.14
C LYS A 14 -6.53 -11.02 5.16
N ASN A 15 -5.97 -9.82 5.25
CA ASN A 15 -6.42 -8.78 6.17
C ASN A 15 -5.39 -7.66 6.21
N GLN A 16 -5.69 -6.59 6.95
CA GLN A 16 -4.76 -5.46 7.05
C GLN A 16 -3.41 -5.91 7.62
N GLU A 17 -3.34 -7.16 8.05
CA GLU A 17 -2.12 -7.71 8.60
C GLU A 17 -1.11 -8.02 7.49
N TYR A 18 -1.60 -8.69 6.46
CA TYR A 18 -0.75 -9.07 5.33
C TYR A 18 -0.24 -7.85 4.57
N ALA A 19 -1.16 -6.94 4.28
CA ALA A 19 -0.82 -5.73 3.55
C ALA A 19 0.14 -4.86 4.35
N ALA A 20 -0.16 -4.70 5.63
CA ALA A 20 0.71 -3.89 6.50
C ALA A 20 2.03 -4.62 6.73
N ARG A 21 2.00 -5.94 6.52
CA ARG A 21 3.17 -6.77 6.68
C ARG A 21 4.15 -6.55 5.55
N ALA A 22 3.62 -6.45 4.34
CA ALA A 22 4.45 -6.26 3.15
C ALA A 22 4.82 -4.79 2.96
N LEU A 23 3.81 -3.92 2.86
CA LEU A 23 4.06 -2.49 2.67
C LEU A 23 4.67 -1.87 3.92
N GLY A 24 5.04 -0.59 3.81
CA GLY A 24 5.64 0.11 4.92
C GLY A 24 4.73 1.16 5.52
N LEU A 25 3.75 0.72 6.30
CA LEU A 25 2.81 1.62 6.95
C LEU A 25 2.17 0.95 8.16
N SER A 26 1.61 1.74 9.06
CA SER A 26 0.96 1.22 10.26
C SER A 26 -0.46 0.78 9.91
N GLN A 27 -1.08 0.01 10.80
CA GLN A 27 -2.43 -0.45 10.55
C GLN A 27 -3.40 0.73 10.43
N LYS A 28 -3.04 1.85 11.03
CA LYS A 28 -3.87 3.04 10.95
C LYS A 28 -3.67 3.72 9.60
N LEU A 29 -2.44 3.71 9.10
CA LEU A 29 -2.18 4.30 7.80
C LEU A 29 -2.98 3.53 6.76
N ILE A 30 -3.12 2.23 7.00
CA ILE A 30 -3.87 1.37 6.13
C ILE A 30 -5.35 1.68 6.21
N GLU A 31 -5.89 1.60 7.41
CA GLU A 31 -7.31 1.88 7.62
C GLU A 31 -7.68 3.16 6.88
N GLU A 32 -6.73 4.09 6.90
CA GLU A 32 -6.90 5.38 6.23
C GLU A 32 -7.13 5.18 4.74
N VAL A 33 -6.20 4.46 4.10
CA VAL A 33 -6.27 4.22 2.66
C VAL A 33 -7.44 3.32 2.29
N LEU A 34 -7.62 2.25 3.05
CA LEU A 34 -8.68 1.29 2.81
C LEU A 34 -10.06 1.90 3.00
N LYS A 35 -10.18 2.88 3.90
CA LYS A 35 -11.46 3.54 4.15
C LYS A 35 -11.69 4.70 3.19
N ARG A 36 -10.63 5.45 2.93
CA ARG A 36 -10.69 6.61 2.06
C ARG A 36 -10.53 6.23 0.60
N GLY A 37 -10.22 4.96 0.35
CA GLY A 37 -10.02 4.50 -1.02
C GLY A 37 -9.01 5.33 -1.76
N LEU A 38 -7.85 5.53 -1.14
CA LEU A 38 -6.78 6.33 -1.74
C LEU A 38 -5.97 5.48 -2.73
N PRO A 39 -5.40 6.11 -3.78
CA PRO A 39 -4.61 5.39 -4.78
C PRO A 39 -3.25 4.95 -4.23
N VAL A 40 -2.89 3.69 -4.46
CA VAL A 40 -1.62 3.17 -3.97
C VAL A 40 -0.96 2.25 -5.02
N TYR A 41 0.38 2.28 -5.07
CA TYR A 41 1.11 1.45 -6.01
C TYR A 41 2.19 0.66 -5.28
N VAL A 42 2.04 -0.65 -5.21
CA VAL A 42 3.02 -1.49 -4.53
C VAL A 42 4.02 -2.06 -5.53
N GLU A 43 5.27 -1.62 -5.43
CA GLU A 43 6.34 -2.08 -6.33
C GLU A 43 7.28 -3.06 -5.64
N THR A 44 6.99 -4.36 -5.75
CA THR A 44 7.79 -5.39 -5.09
C THR A 44 9.20 -5.48 -5.67
N ASN A 45 10.12 -6.01 -4.87
CA ASN A 45 11.50 -6.17 -5.27
C ASN A 45 11.78 -7.58 -5.80
N LYS A 46 12.08 -8.51 -4.91
CA LYS A 46 12.37 -9.88 -5.30
C LYS A 46 12.18 -10.84 -4.14
N ASP A 47 13.02 -10.70 -3.11
CA ASP A 47 12.94 -11.55 -1.93
C ASP A 47 11.54 -11.51 -1.33
N GLY A 48 10.84 -10.40 -1.56
CA GLY A 48 9.50 -10.24 -1.04
C GLY A 48 9.25 -8.86 -0.49
N ASN A 49 10.32 -8.09 -0.32
CA ASN A 49 10.20 -6.73 0.20
C ASN A 49 9.59 -5.84 -0.88
N ILE A 50 8.84 -4.83 -0.47
CA ILE A 50 8.22 -3.96 -1.41
C ILE A 50 7.99 -2.55 -0.87
N LYS A 51 7.85 -1.61 -1.80
CA LYS A 51 7.60 -0.23 -1.46
C LYS A 51 6.25 0.16 -2.05
N VAL A 52 5.71 1.29 -1.62
CA VAL A 52 4.41 1.73 -2.10
C VAL A 52 4.40 3.19 -2.52
N TYR A 53 4.57 3.47 -3.82
CA TYR A 53 4.56 4.84 -4.32
C TYR A 53 3.13 5.38 -4.35
N ILE A 54 2.58 5.66 -3.18
CA ILE A 54 1.22 6.17 -3.07
C ILE A 54 1.07 7.45 -3.91
N THR A 55 -0.17 7.80 -4.25
CA THR A 55 -0.41 8.99 -5.05
C THR A 55 -1.38 9.95 -4.34
N GLN A 56 -0.87 10.70 -3.38
CA GLN A 56 -1.69 11.65 -2.63
C GLN A 56 -1.25 13.07 -2.89
N ASP A 57 -2.19 14.01 -2.82
CA ASP A 57 -1.91 15.42 -3.05
C ASP A 57 -1.40 15.64 -4.48
N GLY A 58 -1.56 14.62 -5.32
CA GLY A 58 -1.11 14.73 -6.70
C GLY A 58 0.38 14.44 -6.86
N ILE A 59 0.93 13.67 -5.92
CA ILE A 59 2.34 13.32 -5.96
C ILE A 59 2.56 11.87 -5.55
N THR A 60 3.60 11.26 -6.09
CA THR A 60 3.94 9.87 -5.77
C THR A 60 4.97 9.83 -4.65
N GLN A 61 4.99 8.73 -3.89
CA GLN A 61 5.93 8.60 -2.78
C GLN A 61 5.79 7.25 -2.09
N PRO A 62 6.93 6.56 -1.83
CA PRO A 62 6.93 5.25 -1.17
C PRO A 62 6.85 5.38 0.35
N PHE A 63 5.66 5.12 0.90
CA PHE A 63 5.44 5.20 2.36
C PHE A 63 6.72 4.89 3.14
N PRO A 64 7.48 5.94 3.59
CA PRO A 64 8.72 5.76 4.32
C PRO A 64 8.63 6.06 5.83
N PRO A 65 7.55 5.63 6.53
CA PRO A 65 7.41 5.89 7.97
C PRO A 65 8.23 4.94 8.83
N MET A 1 6.29 -0.14 -12.60
CA MET A 1 5.94 0.72 -11.44
C MET A 1 4.43 1.00 -11.39
N ARG A 2 3.70 0.37 -12.29
CA ARG A 2 2.25 0.54 -12.34
C ARG A 2 1.53 -0.54 -11.54
N LYS A 3 1.89 -0.65 -10.27
CA LYS A 3 1.27 -1.65 -9.40
C LYS A 3 0.17 -1.03 -8.55
N LYS A 4 -0.66 -0.21 -9.20
CA LYS A 4 -1.76 0.48 -8.52
C LYS A 4 -2.74 -0.50 -7.90
N LEU A 5 -2.40 -1.01 -6.71
CA LEU A 5 -3.27 -1.93 -5.99
C LEU A 5 -3.75 -1.30 -4.69
N ASP A 6 -4.95 -0.72 -4.73
CA ASP A 6 -5.51 -0.10 -3.53
C ASP A 6 -5.47 -1.08 -2.37
N LEU A 7 -5.52 -0.56 -1.13
CA LEU A 7 -5.48 -1.43 0.04
C LEU A 7 -6.71 -2.32 0.10
N LYS A 8 -7.87 -1.78 -0.20
CA LYS A 8 -9.09 -2.57 -0.14
C LYS A 8 -8.93 -3.86 -0.92
N LYS A 9 -8.25 -3.80 -2.05
CA LYS A 9 -8.03 -4.98 -2.89
C LYS A 9 -6.78 -5.76 -2.47
N PHE A 10 -5.68 -5.04 -2.25
CA PHE A 10 -4.43 -5.68 -1.87
C PHE A 10 -4.52 -6.35 -0.50
N VAL A 11 -5.15 -5.69 0.47
CA VAL A 11 -5.30 -6.26 1.81
C VAL A 11 -6.33 -7.38 1.78
N GLU A 12 -7.40 -7.16 1.00
CA GLU A 12 -8.50 -8.13 0.90
C GLU A 12 -8.00 -9.53 0.54
N ASP A 13 -6.78 -9.66 0.03
CA ASP A 13 -6.23 -10.97 -0.32
C ASP A 13 -6.42 -11.94 0.84
N LYS A 14 -6.21 -11.42 2.05
CA LYS A 14 -6.37 -12.20 3.27
C LYS A 14 -7.00 -11.33 4.35
N ASN A 15 -6.42 -10.14 4.53
CA ASN A 15 -6.87 -9.18 5.51
C ASN A 15 -5.90 -8.02 5.56
N GLN A 16 -6.24 -6.94 6.27
CA GLN A 16 -5.35 -5.79 6.36
C GLN A 16 -4.00 -6.20 6.94
N GLU A 17 -3.95 -7.40 7.50
CA GLU A 17 -2.74 -7.93 8.10
C GLU A 17 -1.72 -8.29 7.03
N TYR A 18 -2.19 -8.95 5.98
CA TYR A 18 -1.34 -9.37 4.87
C TYR A 18 -0.69 -8.17 4.20
N ALA A 19 -1.51 -7.20 3.84
CA ALA A 19 -1.02 -6.00 3.18
C ALA A 19 -0.06 -5.25 4.09
N ALA A 20 -0.38 -5.22 5.37
CA ALA A 20 0.46 -4.55 6.36
C ALA A 20 1.69 -5.40 6.65
N ARG A 21 1.60 -6.68 6.30
CA ARG A 21 2.69 -7.62 6.50
C ARG A 21 3.77 -7.43 5.44
N ALA A 22 3.34 -7.24 4.20
CA ALA A 22 4.26 -7.06 3.10
C ALA A 22 4.83 -5.64 3.09
N LEU A 23 3.94 -4.65 3.12
CA LEU A 23 4.37 -3.25 3.13
C LEU A 23 5.04 -2.92 4.46
N GLY A 24 5.39 -1.64 4.66
CA GLY A 24 6.05 -1.25 5.89
C GLY A 24 5.23 -0.30 6.74
N LEU A 25 4.14 0.19 6.17
CA LEU A 25 3.26 1.12 6.87
C LEU A 25 2.60 0.42 8.05
N SER A 26 2.09 1.18 9.02
CA SER A 26 1.44 0.59 10.18
C SER A 26 -0.03 0.32 9.89
N GLN A 27 -0.71 -0.35 10.81
CA GLN A 27 -2.12 -0.67 10.64
C GLN A 27 -2.98 0.60 10.62
N LYS A 28 -2.49 1.65 11.28
CA LYS A 28 -3.23 2.90 11.31
C LYS A 28 -3.07 3.64 9.99
N LEU A 29 -1.97 3.41 9.29
CA LEU A 29 -1.76 4.05 8.00
C LEU A 29 -2.64 3.36 6.98
N ILE A 30 -2.83 2.07 7.17
CA ILE A 30 -3.66 1.28 6.31
C ILE A 30 -5.12 1.66 6.49
N GLU A 31 -5.58 1.55 7.73
CA GLU A 31 -6.95 1.91 8.04
C GLU A 31 -7.31 3.19 7.32
N GLU A 32 -6.33 4.08 7.26
CA GLU A 32 -6.47 5.37 6.58
C GLU A 32 -6.76 5.17 5.11
N VAL A 33 -5.75 4.70 4.38
CA VAL A 33 -5.86 4.48 2.94
C VAL A 33 -7.05 3.59 2.59
N LEU A 34 -7.20 2.51 3.34
CA LEU A 34 -8.27 1.55 3.13
C LEU A 34 -9.65 2.19 3.31
N LYS A 35 -9.78 3.05 4.33
CA LYS A 35 -11.07 3.70 4.60
C LYS A 35 -11.30 4.88 3.66
N ARG A 36 -10.20 5.50 3.23
CA ARG A 36 -10.27 6.67 2.37
C ARG A 36 -10.20 6.29 0.89
N GLY A 37 -10.01 5.00 0.62
CA GLY A 37 -9.93 4.52 -0.74
C GLY A 37 -8.95 5.32 -1.58
N LEU A 38 -7.73 5.50 -1.07
CA LEU A 38 -6.71 6.25 -1.77
C LEU A 38 -5.93 5.34 -2.71
N PRO A 39 -5.49 5.85 -3.88
CA PRO A 39 -4.73 5.05 -4.85
C PRO A 39 -3.27 4.89 -4.47
N VAL A 40 -2.81 3.65 -4.37
CA VAL A 40 -1.42 3.37 -4.02
C VAL A 40 -0.82 2.36 -4.98
N TYR A 41 0.51 2.31 -5.07
CA TYR A 41 1.18 1.38 -5.98
C TYR A 41 2.28 0.61 -5.24
N VAL A 42 2.00 -0.65 -4.87
CA VAL A 42 3.00 -1.47 -4.19
C VAL A 42 3.87 -2.22 -5.21
N GLU A 43 5.12 -1.79 -5.32
CA GLU A 43 6.08 -2.42 -6.26
C GLU A 43 7.10 -3.29 -5.52
N THR A 44 6.84 -4.60 -5.45
CA THR A 44 7.72 -5.52 -4.75
C THR A 44 9.05 -5.70 -5.49
N ASN A 45 10.08 -6.07 -4.75
CA ASN A 45 11.41 -6.27 -5.32
C ASN A 45 11.66 -7.76 -5.59
N LYS A 46 12.20 -8.46 -4.59
CA LYS A 46 12.49 -9.88 -4.74
C LYS A 46 12.35 -10.61 -3.42
N ASP A 47 13.26 -10.34 -2.49
CA ASP A 47 13.27 -10.98 -1.18
C ASP A 47 11.93 -10.81 -0.46
N GLY A 48 11.17 -9.79 -0.86
CA GLY A 48 9.88 -9.54 -0.24
C GLY A 48 9.66 -8.08 0.05
N ASN A 49 10.74 -7.31 0.06
CA ASN A 49 10.68 -5.88 0.32
C ASN A 49 9.90 -5.20 -0.80
N ILE A 50 9.10 -4.21 -0.46
CA ILE A 50 8.33 -3.51 -1.45
C ILE A 50 8.10 -2.06 -1.08
N LYS A 51 7.79 -1.25 -2.09
CA LYS A 51 7.54 0.17 -1.90
C LYS A 51 6.06 0.46 -2.12
N VAL A 52 5.56 1.55 -1.56
CA VAL A 52 4.16 1.90 -1.73
C VAL A 52 4.01 3.27 -2.37
N TYR A 53 4.18 3.33 -3.69
CA TYR A 53 4.06 4.60 -4.42
C TYR A 53 2.66 5.17 -4.29
N ILE A 54 2.37 5.81 -3.17
CA ILE A 54 1.06 6.40 -2.92
C ILE A 54 0.76 7.50 -3.95
N THR A 55 -0.52 7.78 -4.16
CA THR A 55 -0.94 8.81 -5.11
C THR A 55 -1.83 9.84 -4.42
N GLN A 56 -1.24 10.97 -4.06
CA GLN A 56 -1.97 12.03 -3.37
C GLN A 56 -1.49 13.41 -3.84
N ASP A 57 -2.39 14.37 -3.83
CA ASP A 57 -2.06 15.74 -4.27
C ASP A 57 -1.77 15.76 -5.77
N GLY A 58 -2.01 14.63 -6.44
CA GLY A 58 -1.80 14.54 -7.86
C GLY A 58 -0.40 14.08 -8.22
N ILE A 59 0.32 13.49 -7.26
CA ILE A 59 1.68 13.01 -7.51
C ILE A 59 1.92 11.69 -6.79
N THR A 60 2.83 10.87 -7.33
CA THR A 60 3.15 9.59 -6.74
C THR A 60 4.43 9.72 -5.88
N GLN A 61 4.46 9.05 -4.72
CA GLN A 61 5.61 9.11 -3.84
C GLN A 61 5.66 7.87 -2.95
N PRO A 62 6.85 7.51 -2.43
CA PRO A 62 7.00 6.34 -1.56
C PRO A 62 6.52 6.63 -0.16
N PHE A 63 5.80 5.68 0.44
CA PHE A 63 5.30 5.88 1.80
C PHE A 63 6.50 6.01 2.75
N PRO A 64 6.38 6.68 3.92
CA PRO A 64 7.53 6.82 4.83
C PRO A 64 8.00 5.48 5.40
N PRO A 65 7.14 4.73 6.15
CA PRO A 65 7.50 3.43 6.72
C PRO A 65 8.33 2.58 5.76
N MET A 1 7.22 -0.17 -12.73
CA MET A 1 6.66 0.58 -11.58
C MET A 1 5.17 0.84 -11.76
N ARG A 2 4.54 0.05 -12.63
CA ARG A 2 3.12 0.19 -12.89
C ARG A 2 2.30 -0.79 -12.06
N LYS A 3 2.65 -0.90 -10.78
CA LYS A 3 1.95 -1.81 -9.87
C LYS A 3 0.98 -1.01 -9.01
N LYS A 4 -0.09 -0.53 -9.65
CA LYS A 4 -1.10 0.27 -8.98
C LYS A 4 -2.32 -0.57 -8.58
N LEU A 5 -2.46 -0.85 -7.27
CA LEU A 5 -3.57 -1.64 -6.77
C LEU A 5 -4.08 -1.05 -5.47
N ASP A 6 -5.38 -0.79 -5.40
CA ASP A 6 -5.97 -0.23 -4.20
C ASP A 6 -5.59 -1.06 -2.98
N LEU A 7 -5.31 -0.43 -1.84
CA LEU A 7 -4.94 -1.18 -0.64
C LEU A 7 -6.07 -2.11 -0.24
N LYS A 8 -7.27 -1.57 -0.15
CA LYS A 8 -8.45 -2.34 0.22
C LYS A 8 -8.44 -3.69 -0.49
N LYS A 9 -8.21 -3.66 -1.80
CA LYS A 9 -8.16 -4.88 -2.60
C LYS A 9 -7.00 -5.76 -2.13
N PHE A 10 -5.82 -5.15 -1.99
CA PHE A 10 -4.66 -5.90 -1.53
C PHE A 10 -4.95 -6.48 -0.15
N VAL A 11 -5.82 -5.79 0.58
CA VAL A 11 -6.23 -6.21 1.90
C VAL A 11 -7.32 -7.28 1.80
N GLU A 12 -8.13 -7.18 0.75
CA GLU A 12 -9.22 -8.11 0.52
C GLU A 12 -8.73 -9.55 0.45
N ASP A 13 -7.45 -9.71 0.11
CA ASP A 13 -6.85 -11.03 -0.01
C ASP A 13 -7.04 -11.82 1.28
N LYS A 14 -6.73 -11.20 2.41
CA LYS A 14 -6.88 -11.84 3.71
C LYS A 14 -7.39 -10.85 4.76
N ASN A 15 -6.66 -9.75 4.92
CA ASN A 15 -7.00 -8.71 5.89
C ASN A 15 -5.87 -7.69 5.97
N GLN A 16 -6.05 -6.63 6.76
CA GLN A 16 -5.01 -5.62 6.90
C GLN A 16 -3.72 -6.23 7.44
N GLU A 17 -3.82 -7.45 7.95
CA GLU A 17 -2.67 -8.15 8.50
C GLU A 17 -1.71 -8.52 7.38
N TYR A 18 -2.26 -9.02 6.28
CA TYR A 18 -1.47 -9.41 5.12
C TYR A 18 -0.89 -8.20 4.41
N ALA A 19 -1.70 -7.15 4.32
CA ALA A 19 -1.29 -5.92 3.65
C ALA A 19 -0.22 -5.20 4.44
N ALA A 20 -0.37 -5.19 5.77
CA ALA A 20 0.61 -4.53 6.64
C ALA A 20 1.83 -5.42 6.82
N ARG A 21 1.65 -6.72 6.56
CA ARG A 21 2.72 -7.69 6.68
C ARG A 21 3.69 -7.55 5.51
N ALA A 22 3.13 -7.41 4.32
CA ALA A 22 3.92 -7.26 3.11
C ALA A 22 4.51 -5.86 3.02
N LEU A 23 3.66 -4.86 3.16
CA LEU A 23 4.11 -3.47 3.12
C LEU A 23 4.88 -3.11 4.39
N GLY A 24 5.33 -1.86 4.50
CA GLY A 24 6.08 -1.44 5.66
C GLY A 24 5.36 -0.42 6.51
N LEU A 25 4.38 0.25 5.92
CA LEU A 25 3.60 1.27 6.63
C LEU A 25 2.91 0.65 7.85
N SER A 26 2.52 1.50 8.81
CA SER A 26 1.84 1.01 9.99
C SER A 26 0.41 0.61 9.64
N GLN A 27 -0.18 -0.25 10.46
CA GLN A 27 -1.53 -0.72 10.21
C GLN A 27 -2.54 0.43 10.22
N LYS A 28 -2.19 1.52 10.93
CA LYS A 28 -3.08 2.68 10.99
C LYS A 28 -3.13 3.37 9.65
N LEU A 29 -1.98 3.51 9.01
CA LEU A 29 -1.93 4.16 7.71
C LEU A 29 -2.74 3.34 6.73
N ILE A 30 -2.70 2.03 6.90
CA ILE A 30 -3.46 1.13 6.06
C ILE A 30 -4.94 1.39 6.25
N GLU A 31 -5.29 1.79 7.46
CA GLU A 31 -6.66 2.11 7.79
C GLU A 31 -7.08 3.29 6.95
N GLU A 32 -6.15 4.22 6.83
CA GLU A 32 -6.34 5.43 6.05
C GLU A 32 -6.58 5.10 4.58
N VAL A 33 -5.77 4.20 4.05
CA VAL A 33 -5.89 3.80 2.65
C VAL A 33 -6.98 2.75 2.44
N LEU A 34 -7.43 2.13 3.53
CA LEU A 34 -8.44 1.09 3.47
C LEU A 34 -9.86 1.65 3.54
N LYS A 35 -10.15 2.47 4.55
CA LYS A 35 -11.51 3.03 4.67
C LYS A 35 -11.73 4.13 3.64
N ARG A 36 -10.69 4.92 3.40
CA ARG A 36 -10.76 6.01 2.43
C ARG A 36 -10.58 5.50 1.01
N GLY A 37 -9.85 4.40 0.85
CA GLY A 37 -9.62 3.84 -0.47
C GLY A 37 -8.77 4.74 -1.33
N LEU A 38 -7.60 5.11 -0.83
CA LEU A 38 -6.69 5.98 -1.57
C LEU A 38 -5.83 5.15 -2.52
N PRO A 39 -5.45 5.72 -3.69
CA PRO A 39 -4.63 5.01 -4.67
C PRO A 39 -3.16 4.91 -4.25
N VAL A 40 -2.63 3.69 -4.26
CA VAL A 40 -1.23 3.48 -3.89
C VAL A 40 -0.55 2.53 -4.87
N TYR A 41 0.78 2.62 -4.98
CA TYR A 41 1.53 1.76 -5.89
C TYR A 41 2.59 0.97 -5.13
N VAL A 42 2.33 -0.32 -4.91
CA VAL A 42 3.29 -1.15 -4.19
C VAL A 42 4.17 -1.92 -5.18
N GLU A 43 5.44 -1.54 -5.23
CA GLU A 43 6.41 -2.17 -6.15
C GLU A 43 7.34 -3.13 -5.40
N THR A 44 7.01 -4.42 -5.39
CA THR A 44 7.81 -5.41 -4.68
C THR A 44 9.17 -5.65 -5.34
N ASN A 45 10.11 -6.16 -4.55
CA ASN A 45 11.46 -6.43 -5.03
C ASN A 45 11.72 -7.93 -5.06
N LYS A 46 10.66 -8.72 -5.22
CA LYS A 46 10.76 -10.18 -5.27
C LYS A 46 11.04 -10.76 -3.90
N ASP A 47 12.23 -10.49 -3.38
CA ASP A 47 12.65 -11.00 -2.07
C ASP A 47 11.57 -10.76 -1.01
N GLY A 48 10.78 -9.71 -1.20
CA GLY A 48 9.72 -9.40 -0.24
C GLY A 48 9.60 -7.92 0.02
N ASN A 49 10.74 -7.23 0.07
CA ASN A 49 10.74 -5.79 0.30
C ASN A 49 9.97 -5.08 -0.80
N ILE A 50 9.16 -4.10 -0.43
CA ILE A 50 8.39 -3.37 -1.40
C ILE A 50 8.20 -1.91 -1.02
N LYS A 51 7.93 -1.08 -2.02
CA LYS A 51 7.70 0.33 -1.82
C LYS A 51 6.22 0.62 -1.98
N VAL A 52 5.77 1.77 -1.50
CA VAL A 52 4.37 2.13 -1.62
C VAL A 52 4.20 3.54 -2.18
N TYR A 53 4.41 3.68 -3.50
CA TYR A 53 4.27 5.00 -4.12
C TYR A 53 2.81 5.47 -4.05
N ILE A 54 2.43 6.02 -2.89
CA ILE A 54 1.08 6.52 -2.69
C ILE A 54 0.71 7.54 -3.77
N THR A 55 -0.58 7.78 -3.96
CA THR A 55 -1.03 8.73 -4.97
C THR A 55 -2.00 9.77 -4.40
N GLN A 56 -1.46 10.80 -3.76
CA GLN A 56 -2.27 11.87 -3.19
C GLN A 56 -1.83 13.21 -3.76
N ASP A 57 -2.66 14.22 -3.59
CA ASP A 57 -2.37 15.56 -4.09
C ASP A 57 -2.21 15.57 -5.61
N GLY A 58 -2.33 14.40 -6.23
CA GLY A 58 -2.21 14.32 -7.68
C GLY A 58 -0.90 13.68 -8.12
N ILE A 59 0.07 13.61 -7.21
CA ILE A 59 1.37 13.02 -7.52
C ILE A 59 1.67 11.85 -6.58
N THR A 60 2.59 10.99 -7.00
CA THR A 60 2.95 9.84 -6.20
C THR A 60 4.29 10.06 -5.49
N GLN A 61 4.55 9.23 -4.47
CA GLN A 61 5.78 9.31 -3.71
C GLN A 61 5.90 8.10 -2.78
N PRO A 62 7.12 7.76 -2.32
CA PRO A 62 7.33 6.63 -1.43
C PRO A 62 6.81 6.89 -0.03
N PHE A 63 6.04 5.96 0.50
CA PHE A 63 5.49 6.12 1.85
C PHE A 63 6.65 6.36 2.82
N PRO A 64 6.45 7.02 3.98
CA PRO A 64 7.56 7.26 4.92
C PRO A 64 8.15 5.96 5.46
N PRO A 65 7.33 5.10 6.13
CA PRO A 65 7.80 3.82 6.67
C PRO A 65 8.76 3.09 5.73
N MET A 1 7.15 2.38 -13.03
CA MET A 1 6.29 1.61 -12.09
C MET A 1 4.82 1.97 -12.25
N ARG A 2 4.10 1.17 -13.02
CA ARG A 2 2.68 1.41 -13.26
C ARG A 2 1.83 0.30 -12.63
N LYS A 3 2.23 -0.15 -11.46
CA LYS A 3 1.50 -1.18 -10.75
C LYS A 3 0.65 -0.56 -9.65
N LYS A 4 -0.52 -0.06 -10.04
CA LYS A 4 -1.41 0.59 -9.10
C LYS A 4 -2.64 -0.26 -8.78
N LEU A 5 -2.80 -0.64 -7.51
CA LEU A 5 -3.94 -1.44 -7.10
C LEU A 5 -4.43 -0.96 -5.73
N ASP A 6 -5.74 -0.88 -5.57
CA ASP A 6 -6.30 -0.43 -4.30
C ASP A 6 -5.78 -1.30 -3.16
N LEU A 7 -5.69 -0.76 -1.94
CA LEU A 7 -5.20 -1.54 -0.81
C LEU A 7 -6.27 -2.48 -0.31
N LYS A 8 -7.50 -1.97 -0.22
CA LYS A 8 -8.62 -2.79 0.23
C LYS A 8 -8.52 -4.18 -0.38
N LYS A 9 -8.32 -4.23 -1.69
CA LYS A 9 -8.18 -5.50 -2.42
C LYS A 9 -6.97 -6.28 -1.91
N PHE A 10 -5.81 -5.62 -1.86
CA PHE A 10 -4.59 -6.27 -1.39
C PHE A 10 -4.81 -6.77 0.03
N VAL A 11 -5.66 -6.03 0.74
CA VAL A 11 -6.01 -6.35 2.12
C VAL A 11 -7.08 -7.44 2.16
N GLU A 12 -7.87 -7.52 1.10
CA GLU A 12 -8.95 -8.49 1.00
C GLU A 12 -8.42 -9.91 1.11
N ASP A 13 -7.13 -10.10 0.84
CA ASP A 13 -6.52 -11.42 0.92
C ASP A 13 -6.69 -12.01 2.32
N LYS A 14 -5.97 -11.45 3.29
CA LYS A 14 -6.08 -11.92 4.68
C LYS A 14 -6.67 -10.82 5.56
N ASN A 15 -6.02 -9.66 5.56
CA ASN A 15 -6.47 -8.50 6.34
C ASN A 15 -5.42 -7.39 6.27
N GLN A 16 -5.55 -6.41 7.16
CA GLN A 16 -4.61 -5.29 7.18
C GLN A 16 -3.24 -5.70 7.69
N GLU A 17 -3.15 -6.88 8.30
CA GLU A 17 -1.90 -7.38 8.82
C GLU A 17 -0.98 -7.81 7.69
N TYR A 18 -1.54 -8.55 6.74
CA TYR A 18 -0.80 -9.04 5.58
C TYR A 18 -0.30 -7.89 4.72
N ALA A 19 -1.19 -6.95 4.47
CA ALA A 19 -0.88 -5.79 3.65
C ALA A 19 0.18 -4.92 4.32
N ALA A 20 0.07 -4.76 5.62
CA ALA A 20 1.02 -3.97 6.39
C ALA A 20 2.32 -4.76 6.62
N ARG A 21 2.22 -6.08 6.50
CA ARG A 21 3.36 -6.96 6.67
C ARG A 21 4.26 -6.90 5.46
N ALA A 22 3.65 -6.93 4.27
CA ALA A 22 4.37 -6.90 3.02
C ALA A 22 4.86 -5.48 2.72
N LEU A 23 3.95 -4.52 2.76
CA LEU A 23 4.29 -3.14 2.50
C LEU A 23 5.22 -2.58 3.58
N GLY A 24 4.65 -2.00 4.61
CA GLY A 24 5.45 -1.44 5.69
C GLY A 24 4.76 -0.30 6.41
N LEU A 25 3.94 0.44 5.67
CA LEU A 25 3.20 1.58 6.24
C LEU A 25 2.50 1.16 7.53
N SER A 26 2.13 2.14 8.35
CA SER A 26 1.45 1.86 9.61
C SER A 26 0.06 1.29 9.35
N GLN A 27 -0.63 0.92 10.42
CA GLN A 27 -1.98 0.36 10.30
C GLN A 27 -3.01 1.44 10.07
N LYS A 28 -2.72 2.66 10.51
CA LYS A 28 -3.64 3.78 10.33
C LYS A 28 -3.54 4.29 8.90
N LEU A 29 -2.36 4.21 8.30
CA LEU A 29 -2.21 4.64 6.92
C LEU A 29 -2.96 3.68 6.03
N ILE A 30 -2.95 2.41 6.41
CA ILE A 30 -3.64 1.39 5.68
C ILE A 30 -5.14 1.60 5.76
N GLU A 31 -5.64 1.67 6.97
CA GLU A 31 -7.06 1.86 7.18
C GLU A 31 -7.55 2.99 6.29
N GLU A 32 -6.73 4.03 6.20
CA GLU A 32 -7.03 5.20 5.36
C GLU A 32 -7.22 4.80 3.90
N VAL A 33 -6.21 4.16 3.33
CA VAL A 33 -6.26 3.74 1.93
C VAL A 33 -7.38 2.76 1.71
N LEU A 34 -7.59 1.91 2.69
CA LEU A 34 -8.62 0.90 2.67
C LEU A 34 -10.01 1.54 2.62
N LYS A 35 -10.48 1.89 3.80
CA LYS A 35 -11.81 2.49 3.98
C LYS A 35 -12.05 3.66 3.02
N ARG A 36 -11.04 4.50 2.80
CA ARG A 36 -11.20 5.66 1.95
C ARG A 36 -10.95 5.34 0.47
N GLY A 37 -10.47 4.14 0.20
CA GLY A 37 -10.19 3.76 -1.17
C GLY A 37 -9.26 4.72 -1.86
N LEU A 38 -8.16 5.05 -1.19
CA LEU A 38 -7.17 5.98 -1.73
C LEU A 38 -6.24 5.27 -2.70
N PRO A 39 -5.69 5.97 -3.71
CA PRO A 39 -4.77 5.37 -4.68
C PRO A 39 -3.42 5.07 -4.06
N VAL A 40 -2.91 3.87 -4.30
CA VAL A 40 -1.61 3.46 -3.77
C VAL A 40 -0.91 2.50 -4.73
N TYR A 41 0.42 2.58 -4.82
CA TYR A 41 1.17 1.70 -5.71
C TYR A 41 2.12 0.80 -4.92
N VAL A 42 2.29 -0.42 -5.39
CA VAL A 42 3.19 -1.36 -4.72
C VAL A 42 4.06 -2.09 -5.77
N GLU A 43 5.36 -1.79 -5.74
CA GLU A 43 6.30 -2.39 -6.69
C GLU A 43 7.22 -3.40 -5.99
N THR A 44 6.85 -4.68 -6.01
CA THR A 44 7.61 -5.73 -5.34
C THR A 44 8.96 -5.97 -6.01
N ASN A 45 9.91 -6.45 -5.21
CA ASN A 45 11.25 -6.75 -5.68
C ASN A 45 11.55 -8.23 -5.57
N LYS A 46 12.07 -8.66 -4.42
CA LYS A 46 12.39 -10.05 -4.18
C LYS A 46 12.23 -10.41 -2.70
N ASP A 47 11.96 -11.68 -2.42
CA ASP A 47 11.79 -12.15 -1.05
C ASP A 47 10.56 -11.52 -0.38
N GLY A 48 9.90 -10.60 -1.09
CA GLY A 48 8.73 -9.95 -0.55
C GLY A 48 8.93 -8.46 -0.33
N ASN A 49 10.17 -8.00 -0.48
CA ASN A 49 10.49 -6.59 -0.29
C ASN A 49 9.80 -5.75 -1.36
N ILE A 50 8.90 -4.87 -0.95
CA ILE A 50 8.22 -4.03 -1.90
C ILE A 50 8.10 -2.60 -1.41
N LYS A 51 7.92 -1.68 -2.38
CA LYS A 51 7.78 -0.28 -2.09
C LYS A 51 6.31 0.12 -2.22
N VAL A 52 5.95 1.28 -1.70
CA VAL A 52 4.56 1.74 -1.76
C VAL A 52 4.46 3.12 -2.39
N TYR A 53 4.48 3.20 -3.72
CA TYR A 53 4.36 4.50 -4.39
C TYR A 53 2.92 5.00 -4.32
N ILE A 54 2.48 5.28 -3.10
CA ILE A 54 1.12 5.78 -2.87
C ILE A 54 0.87 7.07 -3.65
N THR A 55 -0.40 7.46 -3.78
CA THR A 55 -0.75 8.67 -4.51
C THR A 55 -1.65 9.59 -3.68
N GLN A 56 -1.04 10.43 -2.86
CA GLN A 56 -1.79 11.38 -2.04
C GLN A 56 -1.25 12.78 -2.22
N ASP A 57 -2.05 13.77 -1.84
CA ASP A 57 -1.65 15.17 -1.98
C ASP A 57 -1.48 15.56 -3.45
N GLY A 58 -1.61 14.58 -4.34
CA GLY A 58 -1.48 14.83 -5.75
C GLY A 58 -0.17 14.31 -6.32
N ILE A 59 0.73 13.87 -5.45
CA ILE A 59 2.02 13.33 -5.88
C ILE A 59 2.20 11.87 -5.47
N THR A 60 3.01 11.15 -6.23
CA THR A 60 3.28 9.75 -5.93
C THR A 60 4.60 9.65 -5.17
N GLN A 61 4.72 8.66 -4.28
CA GLN A 61 5.93 8.48 -3.51
C GLN A 61 5.81 7.24 -2.63
N PRO A 62 6.94 6.67 -2.19
CA PRO A 62 6.93 5.46 -1.35
C PRO A 62 6.74 5.78 0.11
N PHE A 63 5.79 5.11 0.77
CA PHE A 63 5.60 5.36 2.20
C PHE A 63 6.97 5.39 2.87
N PRO A 64 7.49 6.58 3.27
CA PRO A 64 8.81 6.69 3.88
C PRO A 64 8.83 6.80 5.42
N PRO A 65 7.93 6.12 6.16
CA PRO A 65 7.89 6.21 7.63
C PRO A 65 8.92 5.29 8.28
N MET A 1 6.94 -0.24 -12.33
CA MET A 1 6.54 0.26 -10.99
C MET A 1 5.09 0.76 -11.00
N ARG A 2 4.43 0.59 -12.13
CA ARG A 2 3.05 1.02 -12.27
C ARG A 2 2.08 -0.08 -11.81
N LYS A 3 2.37 -0.64 -10.64
CA LYS A 3 1.53 -1.68 -10.07
C LYS A 3 0.47 -1.08 -9.14
N LYS A 4 -0.72 -0.88 -9.68
CA LYS A 4 -1.81 -0.30 -8.92
C LYS A 4 -2.90 -1.33 -8.65
N LEU A 5 -3.52 -1.26 -7.48
CA LEU A 5 -4.58 -2.19 -7.12
C LEU A 5 -5.40 -1.66 -5.95
N ASP A 6 -6.61 -2.18 -5.80
CA ASP A 6 -7.49 -1.75 -4.72
C ASP A 6 -6.92 -2.24 -3.37
N LEU A 7 -6.39 -1.33 -2.55
CA LEU A 7 -5.83 -1.70 -1.25
C LEU A 7 -6.72 -2.73 -0.56
N LYS A 8 -8.02 -2.49 -0.56
CA LYS A 8 -8.96 -3.43 0.05
C LYS A 8 -8.62 -4.84 -0.41
N LYS A 9 -8.73 -5.05 -1.71
CA LYS A 9 -8.42 -6.35 -2.32
C LYS A 9 -7.07 -6.89 -1.82
N PHE A 10 -6.06 -6.03 -1.83
CA PHE A 10 -4.73 -6.43 -1.39
C PHE A 10 -4.74 -6.96 0.04
N VAL A 11 -5.44 -6.26 0.93
CA VAL A 11 -5.52 -6.68 2.32
C VAL A 11 -6.47 -7.87 2.46
N GLU A 12 -7.32 -8.06 1.44
CA GLU A 12 -8.29 -9.14 1.44
C GLU A 12 -7.60 -10.50 1.38
N ASP A 13 -6.35 -10.51 0.89
CA ASP A 13 -5.59 -11.75 0.77
C ASP A 13 -5.71 -12.57 2.04
N LYS A 14 -5.52 -11.92 3.18
CA LYS A 14 -5.62 -12.58 4.47
C LYS A 14 -5.67 -11.54 5.58
N ASN A 15 -6.65 -10.66 5.49
CA ASN A 15 -6.85 -9.57 6.46
C ASN A 15 -5.82 -8.47 6.26
N GLN A 16 -6.11 -7.28 6.76
CA GLN A 16 -5.20 -6.14 6.63
C GLN A 16 -3.83 -6.46 7.20
N GLU A 17 -3.75 -7.56 7.94
CA GLU A 17 -2.50 -7.98 8.55
C GLU A 17 -1.47 -8.30 7.47
N TYR A 18 -1.95 -8.87 6.37
CA TYR A 18 -1.10 -9.23 5.24
C TYR A 18 -0.60 -8.00 4.54
N ALA A 19 -1.53 -7.13 4.22
CA ALA A 19 -1.21 -5.92 3.51
C ALA A 19 -0.31 -5.03 4.35
N ALA A 20 -0.60 -4.99 5.65
CA ALA A 20 0.19 -4.20 6.58
C ALA A 20 1.56 -4.85 6.77
N ARG A 21 1.65 -6.12 6.41
CA ARG A 21 2.87 -6.88 6.52
C ARG A 21 3.81 -6.57 5.36
N ALA A 22 3.24 -6.50 4.16
CA ALA A 22 4.01 -6.22 2.96
C ALA A 22 4.26 -4.72 2.80
N LEU A 23 3.19 -3.94 2.84
CA LEU A 23 3.29 -2.49 2.71
C LEU A 23 4.32 -1.90 3.68
N GLY A 24 4.74 -0.66 3.43
CA GLY A 24 5.71 -0.02 4.29
C GLY A 24 5.06 0.89 5.31
N LEU A 25 3.75 0.99 5.24
CA LEU A 25 2.98 1.83 6.16
C LEU A 25 2.41 0.98 7.31
N SER A 26 2.02 1.64 8.39
CA SER A 26 1.47 0.95 9.54
C SER A 26 0.07 0.42 9.23
N GLN A 27 -0.54 -0.28 10.18
CA GLN A 27 -1.88 -0.83 10.01
C GLN A 27 -2.92 0.29 10.04
N LYS A 28 -2.68 1.29 10.88
CA LYS A 28 -3.60 2.42 10.98
C LYS A 28 -3.50 3.25 9.71
N LEU A 29 -2.30 3.40 9.19
CA LEU A 29 -2.14 4.15 7.95
C LEU A 29 -2.98 3.47 6.90
N ILE A 30 -3.10 2.15 7.02
CA ILE A 30 -3.89 1.35 6.13
C ILE A 30 -5.36 1.64 6.30
N GLU A 31 -5.86 1.46 7.51
CA GLU A 31 -7.26 1.71 7.80
C GLU A 31 -7.67 3.03 7.19
N GLU A 32 -6.70 3.93 7.16
CA GLU A 32 -6.88 5.27 6.59
C GLU A 32 -7.03 5.19 5.08
N VAL A 33 -5.98 4.69 4.41
CA VAL A 33 -5.96 4.57 2.96
C VAL A 33 -7.05 3.62 2.47
N LEU A 34 -7.53 2.77 3.36
CA LEU A 34 -8.55 1.80 3.03
C LEU A 34 -9.95 2.37 3.23
N LYS A 35 -10.12 3.20 4.25
CA LYS A 35 -11.41 3.82 4.53
C LYS A 35 -11.70 4.94 3.53
N ARG A 36 -10.72 5.83 3.38
CA ARG A 36 -10.84 6.96 2.47
C ARG A 36 -10.85 6.51 1.01
N GLY A 37 -9.97 5.57 0.68
CA GLY A 37 -9.88 5.06 -0.67
C GLY A 37 -8.89 5.85 -1.51
N LEU A 38 -7.65 5.88 -1.06
CA LEU A 38 -6.59 6.60 -1.77
C LEU A 38 -5.87 5.67 -2.75
N PRO A 39 -5.31 6.22 -3.84
CA PRO A 39 -4.58 5.42 -4.83
C PRO A 39 -3.27 4.86 -4.28
N VAL A 40 -3.08 3.56 -4.42
CA VAL A 40 -1.86 2.92 -3.91
C VAL A 40 -1.16 2.08 -5.00
N TYR A 41 0.17 2.19 -5.09
CA TYR A 41 0.94 1.43 -6.07
C TYR A 41 2.05 0.65 -5.39
N VAL A 42 1.82 -0.63 -5.15
CA VAL A 42 2.83 -1.46 -4.51
C VAL A 42 3.66 -2.20 -5.56
N GLU A 43 4.94 -1.84 -5.64
CA GLU A 43 5.87 -2.45 -6.60
C GLU A 43 6.95 -3.26 -5.90
N THR A 44 6.73 -4.56 -5.75
CA THR A 44 7.69 -5.44 -5.07
C THR A 44 8.96 -5.61 -5.89
N ASN A 45 10.08 -5.82 -5.21
CA ASN A 45 11.36 -6.01 -5.89
C ASN A 45 11.88 -7.43 -5.69
N LYS A 46 12.52 -7.67 -4.56
CA LYS A 46 13.07 -8.98 -4.24
C LYS A 46 13.10 -9.21 -2.73
N ASP A 47 13.17 -10.48 -2.33
CA ASP A 47 13.20 -10.85 -0.92
C ASP A 47 11.82 -10.71 -0.27
N GLY A 48 11.06 -9.71 -0.72
CA GLY A 48 9.73 -9.48 -0.18
C GLY A 48 9.47 -8.03 0.14
N ASN A 49 10.44 -7.17 -0.13
CA ASN A 49 10.31 -5.75 0.12
C ASN A 49 9.57 -5.11 -1.03
N ILE A 50 8.92 -3.99 -0.77
CA ILE A 50 8.18 -3.32 -1.81
C ILE A 50 7.94 -1.85 -1.50
N LYS A 51 7.65 -1.09 -2.55
CA LYS A 51 7.39 0.33 -2.42
C LYS A 51 5.89 0.58 -2.54
N VAL A 52 5.43 1.73 -2.06
CA VAL A 52 4.02 2.06 -2.13
C VAL A 52 3.81 3.38 -2.85
N TYR A 53 4.08 3.40 -4.15
CA TYR A 53 3.92 4.62 -4.94
C TYR A 53 2.50 5.16 -4.86
N ILE A 54 2.21 5.90 -3.79
CA ILE A 54 0.90 6.49 -3.58
C ILE A 54 0.86 7.90 -4.16
N THR A 55 -0.27 8.28 -4.76
CA THR A 55 -0.41 9.61 -5.35
C THR A 55 -1.12 10.56 -4.39
N GLN A 56 -0.37 11.12 -3.45
CA GLN A 56 -0.94 12.05 -2.48
C GLN A 56 -0.24 13.40 -2.55
N ASP A 57 -0.98 14.47 -2.28
CA ASP A 57 -0.44 15.84 -2.29
C ASP A 57 -0.15 16.28 -3.73
N GLY A 58 -0.27 15.36 -4.68
CA GLY A 58 -0.01 15.70 -6.07
C GLY A 58 1.17 14.96 -6.65
N ILE A 59 2.01 14.41 -5.78
CA ILE A 59 3.19 13.66 -6.21
C ILE A 59 3.15 12.22 -5.70
N THR A 60 3.85 11.33 -6.39
CA THR A 60 3.89 9.93 -5.99
C THR A 60 5.13 9.65 -5.14
N GLN A 61 5.09 8.56 -4.38
CA GLN A 61 6.19 8.18 -3.51
C GLN A 61 5.96 6.78 -2.93
N PRO A 62 7.03 6.06 -2.56
CA PRO A 62 6.90 4.71 -1.98
C PRO A 62 6.53 4.75 -0.52
N PHE A 63 5.43 5.45 -0.22
CA PHE A 63 4.95 5.62 1.16
C PHE A 63 5.92 4.94 2.12
N PRO A 64 7.02 5.65 2.51
CA PRO A 64 8.05 5.11 3.38
C PRO A 64 7.99 5.58 4.84
N PRO A 65 6.81 5.60 5.49
CA PRO A 65 6.68 6.05 6.88
C PRO A 65 6.97 4.93 7.88
N MET A 1 7.25 3.31 -11.61
CA MET A 1 6.40 2.13 -11.86
C MET A 1 4.92 2.49 -11.86
N ARG A 2 4.16 1.81 -12.71
CA ARG A 2 2.73 2.06 -12.81
C ARG A 2 1.93 0.88 -12.28
N LYS A 3 2.44 0.26 -11.23
CA LYS A 3 1.78 -0.89 -10.62
C LYS A 3 0.85 -0.43 -9.50
N LYS A 4 -0.43 -0.32 -9.82
CA LYS A 4 -1.43 0.11 -8.84
C LYS A 4 -2.47 -0.98 -8.62
N LEU A 5 -3.00 -1.04 -7.40
CA LEU A 5 -4.00 -2.03 -7.08
C LEU A 5 -4.96 -1.53 -6.01
N ASP A 6 -6.10 -2.19 -5.89
CA ASP A 6 -7.10 -1.82 -4.90
C ASP A 6 -6.65 -2.26 -3.50
N LEU A 7 -6.15 -1.33 -2.67
CA LEU A 7 -5.70 -1.68 -1.33
C LEU A 7 -6.75 -2.54 -0.64
N LYS A 8 -8.02 -2.28 -0.94
CA LYS A 8 -9.11 -3.04 -0.34
C LYS A 8 -9.00 -4.51 -0.70
N LYS A 9 -8.61 -4.80 -1.95
CA LYS A 9 -8.47 -6.18 -2.40
C LYS A 9 -7.19 -6.79 -1.86
N PHE A 10 -6.13 -5.98 -1.76
CA PHE A 10 -4.85 -6.46 -1.24
C PHE A 10 -4.95 -6.73 0.25
N VAL A 11 -5.89 -6.06 0.90
CA VAL A 11 -6.14 -6.24 2.33
C VAL A 11 -7.15 -7.36 2.55
N GLU A 12 -8.29 -7.24 1.88
CA GLU A 12 -9.36 -8.21 1.97
C GLU A 12 -8.89 -9.64 1.77
N ASP A 13 -7.74 -9.82 1.14
CA ASP A 13 -7.19 -11.15 0.90
C ASP A 13 -7.12 -11.93 2.22
N LYS A 14 -6.90 -11.21 3.31
CA LYS A 14 -6.84 -11.78 4.64
C LYS A 14 -7.27 -10.75 5.67
N ASN A 15 -6.61 -9.58 5.62
CA ASN A 15 -6.90 -8.45 6.51
C ASN A 15 -5.77 -7.43 6.44
N GLN A 16 -5.86 -6.40 7.28
CA GLN A 16 -4.85 -5.36 7.31
C GLN A 16 -3.46 -5.93 7.60
N GLU A 17 -3.42 -7.18 8.06
CA GLU A 17 -2.16 -7.83 8.37
C GLU A 17 -1.34 -8.09 7.12
N TYR A 18 -1.97 -8.67 6.11
CA TYR A 18 -1.27 -9.00 4.87
C TYR A 18 -0.70 -7.76 4.20
N ALA A 19 -1.52 -6.72 4.11
CA ALA A 19 -1.11 -5.48 3.47
C ALA A 19 -0.03 -4.78 4.28
N ALA A 20 -0.25 -4.69 5.59
CA ALA A 20 0.73 -4.06 6.47
C ALA A 20 1.99 -4.90 6.55
N ARG A 21 1.87 -6.16 6.16
CA ARG A 21 2.98 -7.09 6.16
C ARG A 21 3.89 -6.87 4.96
N ALA A 22 3.26 -6.66 3.80
CA ALA A 22 4.00 -6.43 2.56
C ALA A 22 4.45 -4.97 2.45
N LEU A 23 3.49 -4.06 2.52
CA LEU A 23 3.77 -2.63 2.44
C LEU A 23 4.88 -2.23 3.41
N GLY A 24 4.48 -1.91 4.64
CA GLY A 24 5.46 -1.52 5.65
C GLY A 24 4.92 -0.43 6.57
N LEU A 25 3.78 0.11 6.21
CA LEU A 25 3.14 1.16 7.02
C LEU A 25 2.35 0.53 8.17
N SER A 26 2.02 1.35 9.16
CA SER A 26 1.27 0.87 10.32
C SER A 26 -0.14 0.45 9.93
N GLN A 27 -0.87 -0.14 10.88
CA GLN A 27 -2.23 -0.57 10.61
C GLN A 27 -3.18 0.60 10.50
N LYS A 28 -2.94 1.63 11.32
CA LYS A 28 -3.77 2.83 11.28
C LYS A 28 -3.58 3.51 9.96
N LEU A 29 -2.34 3.66 9.54
CA LEU A 29 -2.08 4.30 8.28
C LEU A 29 -2.81 3.56 7.17
N ILE A 30 -3.00 2.26 7.38
CA ILE A 30 -3.71 1.43 6.43
C ILE A 30 -5.19 1.73 6.47
N GLU A 31 -5.78 1.60 7.65
CA GLU A 31 -7.20 1.87 7.82
C GLU A 31 -7.54 3.18 7.13
N GLU A 32 -6.57 4.09 7.19
CA GLU A 32 -6.70 5.40 6.56
C GLU A 32 -6.89 5.26 5.06
N VAL A 33 -5.85 4.76 4.40
CA VAL A 33 -5.86 4.57 2.94
C VAL A 33 -7.03 3.70 2.50
N LEU A 34 -7.24 2.60 3.21
CA LEU A 34 -8.30 1.67 2.92
C LEU A 34 -9.67 2.31 3.01
N LYS A 35 -10.09 2.65 4.22
CA LYS A 35 -11.40 3.28 4.45
C LYS A 35 -11.67 4.37 3.42
N ARG A 36 -10.68 5.23 3.20
CA ARG A 36 -10.81 6.34 2.25
C ARG A 36 -10.68 5.88 0.81
N GLY A 37 -10.07 4.72 0.61
CA GLY A 37 -9.88 4.19 -0.73
C GLY A 37 -8.96 5.07 -1.57
N LEU A 38 -7.79 5.37 -1.02
CA LEU A 38 -6.81 6.21 -1.71
C LEU A 38 -5.96 5.35 -2.66
N PRO A 39 -5.51 5.92 -3.80
CA PRO A 39 -4.69 5.17 -4.77
C PRO A 39 -3.28 4.94 -4.26
N VAL A 40 -2.78 3.72 -4.40
CA VAL A 40 -1.44 3.39 -3.96
C VAL A 40 -0.78 2.41 -4.92
N TYR A 41 0.56 2.38 -4.92
CA TYR A 41 1.30 1.48 -5.81
C TYR A 41 2.30 0.67 -4.99
N VAL A 42 2.66 -0.51 -5.48
CA VAL A 42 3.61 -1.36 -4.78
C VAL A 42 4.54 -2.08 -5.76
N GLU A 43 5.82 -1.73 -5.71
CA GLU A 43 6.84 -2.30 -6.59
C GLU A 43 7.76 -3.26 -5.81
N THR A 44 7.48 -4.55 -5.86
CA THR A 44 8.27 -5.54 -5.12
C THR A 44 9.67 -5.69 -5.69
N ASN A 45 10.59 -6.16 -4.85
CA ASN A 45 11.98 -6.35 -5.25
C ASN A 45 12.25 -7.80 -5.63
N LYS A 46 12.70 -8.60 -4.67
CA LYS A 46 12.99 -10.01 -4.91
C LYS A 46 12.67 -10.86 -3.67
N ASP A 47 13.47 -10.68 -2.63
CA ASP A 47 13.30 -11.43 -1.38
C ASP A 47 11.88 -11.26 -0.84
N GLY A 48 11.28 -10.11 -1.12
CA GLY A 48 9.93 -9.84 -0.66
C GLY A 48 9.72 -8.39 -0.30
N ASN A 49 10.82 -7.65 -0.19
CA ASN A 49 10.76 -6.23 0.14
C ASN A 49 10.10 -5.46 -0.99
N ILE A 50 9.20 -4.55 -0.66
CA ILE A 50 8.52 -3.77 -1.65
C ILE A 50 8.29 -2.33 -1.20
N LYS A 51 8.12 -1.45 -2.19
CA LYS A 51 7.89 -0.04 -1.93
C LYS A 51 6.42 0.28 -2.23
N VAL A 52 5.88 1.32 -1.62
CA VAL A 52 4.49 1.68 -1.87
C VAL A 52 4.36 3.07 -2.46
N TYR A 53 4.51 3.18 -3.79
CA TYR A 53 4.38 4.47 -4.47
C TYR A 53 2.93 4.95 -4.45
N ILE A 54 2.51 5.45 -3.29
CA ILE A 54 1.15 5.94 -3.12
C ILE A 54 0.89 7.16 -4.00
N THR A 55 -0.38 7.43 -4.33
CA THR A 55 -0.74 8.56 -5.18
C THR A 55 -1.64 9.56 -4.46
N GLN A 56 -1.04 10.53 -3.78
CA GLN A 56 -1.79 11.56 -3.07
C GLN A 56 -1.26 12.93 -3.44
N ASP A 57 -2.03 13.96 -3.11
CA ASP A 57 -1.64 15.34 -3.39
C ASP A 57 -1.51 15.56 -4.90
N GLY A 58 -1.76 14.51 -5.69
CA GLY A 58 -1.66 14.62 -7.13
C GLY A 58 -0.37 14.05 -7.68
N ILE A 59 0.56 13.72 -6.79
CA ILE A 59 1.86 13.16 -7.19
C ILE A 59 2.15 11.86 -6.46
N THR A 60 2.99 11.02 -7.05
CA THR A 60 3.34 9.74 -6.45
C THR A 60 4.59 9.88 -5.58
N GLN A 61 4.81 8.91 -4.69
CA GLN A 61 5.96 8.92 -3.81
C GLN A 61 5.95 7.68 -2.90
N PRO A 62 7.12 7.28 -2.38
CA PRO A 62 7.22 6.12 -1.49
C PRO A 62 6.75 6.45 -0.09
N PHE A 63 5.98 5.55 0.52
CA PHE A 63 5.50 5.80 1.87
C PHE A 63 6.71 5.92 2.81
N PRO A 64 6.60 6.59 3.98
CA PRO A 64 7.75 6.72 4.89
C PRO A 64 8.24 5.36 5.39
N PRO A 65 7.35 4.54 6.02
CA PRO A 65 7.72 3.21 6.51
C PRO A 65 8.66 2.46 5.56
N MET A 1 6.63 1.92 -13.52
CA MET A 1 5.67 0.81 -13.25
C MET A 1 4.30 1.36 -12.88
N ARG A 2 3.26 0.68 -13.35
CA ARG A 2 1.89 1.10 -13.07
C ARG A 2 1.11 -0.02 -12.38
N LYS A 3 1.64 -0.49 -11.26
CA LYS A 3 1.01 -1.55 -10.49
C LYS A 3 0.16 -0.97 -9.36
N LYS A 4 -1.10 -0.69 -9.67
CA LYS A 4 -2.01 -0.11 -8.69
C LYS A 4 -3.03 -1.14 -8.20
N LEU A 5 -2.85 -1.63 -6.97
CA LEU A 5 -3.76 -2.61 -6.40
C LEU A 5 -4.67 -1.97 -5.37
N ASP A 6 -5.98 -2.12 -5.55
CA ASP A 6 -6.95 -1.57 -4.61
C ASP A 6 -6.61 -2.07 -3.20
N LEU A 7 -5.94 -1.24 -2.39
CA LEU A 7 -5.56 -1.65 -1.03
C LEU A 7 -6.63 -2.55 -0.42
N LYS A 8 -7.89 -2.24 -0.68
CA LYS A 8 -8.98 -3.05 -0.16
C LYS A 8 -8.85 -4.47 -0.66
N LYS A 9 -8.82 -4.63 -1.98
CA LYS A 9 -8.70 -5.95 -2.59
C LYS A 9 -7.46 -6.68 -2.07
N PHE A 10 -6.36 -5.94 -1.91
CA PHE A 10 -5.11 -6.53 -1.44
C PHE A 10 -5.24 -6.98 0.01
N VAL A 11 -5.89 -6.16 0.83
CA VAL A 11 -6.10 -6.48 2.23
C VAL A 11 -7.11 -7.61 2.36
N GLU A 12 -8.14 -7.53 1.52
CA GLU A 12 -9.20 -8.52 1.49
C GLU A 12 -8.65 -9.93 1.34
N ASP A 13 -7.40 -10.03 0.88
CA ASP A 13 -6.76 -11.32 0.68
C ASP A 13 -6.74 -12.14 1.97
N LYS A 14 -6.72 -11.43 3.10
CA LYS A 14 -6.69 -12.08 4.41
C LYS A 14 -7.09 -11.06 5.49
N ASN A 15 -6.41 -9.92 5.48
CA ASN A 15 -6.68 -8.82 6.42
C ASN A 15 -5.50 -7.83 6.45
N GLN A 16 -5.76 -6.67 7.04
CA GLN A 16 -4.77 -5.59 7.14
C GLN A 16 -3.38 -6.05 7.62
N GLU A 17 -3.31 -7.22 8.22
CA GLU A 17 -2.05 -7.71 8.73
C GLU A 17 -1.07 -8.01 7.58
N TYR A 18 -1.55 -8.72 6.56
CA TYR A 18 -0.73 -9.09 5.40
C TYR A 18 -0.25 -7.86 4.66
N ALA A 19 -1.17 -6.95 4.40
CA ALA A 19 -0.86 -5.73 3.67
C ALA A 19 0.10 -4.85 4.47
N ALA A 20 -0.16 -4.73 5.76
CA ALA A 20 0.68 -3.93 6.64
C ALA A 20 2.02 -4.63 6.87
N ARG A 21 2.04 -5.92 6.59
CA ARG A 21 3.22 -6.74 6.74
C ARG A 21 4.18 -6.53 5.58
N ALA A 22 3.63 -6.43 4.38
CA ALA A 22 4.43 -6.24 3.18
C ALA A 22 4.81 -4.76 3.00
N LEU A 23 3.81 -3.89 2.95
CA LEU A 23 4.05 -2.46 2.78
C LEU A 23 5.01 -1.93 3.84
N GLY A 24 4.46 -1.56 4.99
CA GLY A 24 5.28 -1.03 6.07
C GLY A 24 4.53 -0.02 6.92
N LEU A 25 3.64 0.73 6.27
CA LEU A 25 2.84 1.75 6.96
C LEU A 25 2.16 1.15 8.20
N SER A 26 1.74 2.02 9.12
CA SER A 26 1.07 1.57 10.34
C SER A 26 -0.39 1.21 10.04
N GLN A 27 -0.98 0.41 10.91
CA GLN A 27 -2.35 -0.04 10.75
C GLN A 27 -3.33 1.14 10.64
N LYS A 28 -3.11 2.18 11.43
CA LYS A 28 -3.99 3.34 11.40
C LYS A 28 -3.87 4.06 10.05
N LEU A 29 -2.76 3.84 9.36
CA LEU A 29 -2.57 4.45 8.06
C LEU A 29 -3.29 3.63 7.02
N ILE A 30 -3.32 2.32 7.24
CA ILE A 30 -4.01 1.42 6.34
C ILE A 30 -5.49 1.66 6.42
N GLU A 31 -6.02 1.60 7.63
CA GLU A 31 -7.43 1.84 7.87
C GLU A 31 -7.86 3.04 7.04
N GLU A 32 -6.97 4.01 6.97
CA GLU A 32 -7.19 5.24 6.20
C GLU A 32 -7.27 4.93 4.70
N VAL A 33 -6.16 4.41 4.17
CA VAL A 33 -6.05 4.09 2.75
C VAL A 33 -7.11 3.06 2.33
N LEU A 34 -7.64 2.34 3.31
CA LEU A 34 -8.63 1.32 3.04
C LEU A 34 -10.06 1.87 3.18
N LYS A 35 -10.24 2.82 4.09
CA LYS A 35 -11.54 3.43 4.30
C LYS A 35 -11.83 4.46 3.20
N ARG A 36 -10.77 5.14 2.78
CA ARG A 36 -10.86 6.16 1.75
C ARG A 36 -10.67 5.58 0.35
N GLY A 37 -9.63 4.77 0.19
CA GLY A 37 -9.35 4.18 -1.10
C GLY A 37 -8.47 5.09 -1.93
N LEU A 38 -7.29 5.41 -1.39
CA LEU A 38 -6.36 6.29 -2.06
C LEU A 38 -5.48 5.50 -3.03
N PRO A 39 -5.02 6.13 -4.14
CA PRO A 39 -4.15 5.45 -5.12
C PRO A 39 -2.96 4.77 -4.45
N VAL A 40 -2.76 3.49 -4.76
CA VAL A 40 -1.65 2.75 -4.17
C VAL A 40 -0.91 1.93 -5.23
N TYR A 41 0.43 2.05 -5.30
CA TYR A 41 1.21 1.30 -6.27
C TYR A 41 2.36 0.59 -5.57
N VAL A 42 2.28 -0.74 -5.50
CA VAL A 42 3.34 -1.51 -4.84
C VAL A 42 4.18 -2.28 -5.84
N GLU A 43 5.44 -1.85 -6.00
CA GLU A 43 6.38 -2.49 -6.93
C GLU A 43 7.43 -3.29 -6.18
N THR A 44 7.24 -4.61 -6.07
CA THR A 44 8.17 -5.47 -5.35
C THR A 44 9.50 -5.62 -6.08
N ASN A 45 10.54 -5.90 -5.30
CA ASN A 45 11.88 -6.08 -5.85
C ASN A 45 12.18 -7.55 -6.14
N LYS A 46 12.42 -8.32 -5.07
CA LYS A 46 12.71 -9.74 -5.21
C LYS A 46 12.68 -10.44 -3.85
N ASP A 47 13.60 -10.06 -2.98
CA ASP A 47 13.68 -10.66 -1.64
C ASP A 47 12.41 -10.39 -0.84
N GLY A 48 11.64 -9.41 -1.27
CA GLY A 48 10.41 -9.07 -0.58
C GLY A 48 10.24 -7.57 -0.41
N ASN A 49 11.34 -6.84 -0.54
CA ASN A 49 11.31 -5.39 -0.39
C ASN A 49 10.46 -4.77 -1.50
N ILE A 50 9.48 -3.95 -1.13
CA ILE A 50 8.64 -3.32 -2.10
C ILE A 50 8.30 -1.88 -1.73
N LYS A 51 7.95 -1.10 -2.73
CA LYS A 51 7.56 0.28 -2.52
C LYS A 51 6.05 0.40 -2.62
N VAL A 52 5.51 1.50 -2.13
CA VAL A 52 4.08 1.73 -2.19
C VAL A 52 3.82 3.11 -2.77
N TYR A 53 4.19 3.30 -4.04
CA TYR A 53 4.01 4.59 -4.69
C TYR A 53 2.55 5.04 -4.63
N ILE A 54 2.21 5.71 -3.54
CA ILE A 54 0.86 6.22 -3.33
C ILE A 54 0.74 7.66 -3.84
N THR A 55 -0.38 7.99 -4.47
CA THR A 55 -0.57 9.33 -5.01
C THR A 55 -1.31 10.23 -4.02
N GLN A 56 -0.59 11.11 -3.35
CA GLN A 56 -1.19 12.03 -2.39
C GLN A 56 -0.46 13.37 -2.44
N ASP A 57 -1.22 14.46 -2.30
CA ASP A 57 -0.66 15.81 -2.33
C ASP A 57 -0.23 16.20 -3.74
N GLY A 58 -0.14 15.22 -4.65
CA GLY A 58 0.25 15.52 -6.01
C GLY A 58 1.34 14.61 -6.55
N ILE A 59 2.14 14.02 -5.66
CA ILE A 59 3.23 13.14 -6.08
C ILE A 59 3.07 11.74 -5.50
N THR A 60 3.65 10.76 -6.17
CA THR A 60 3.60 9.38 -5.70
C THR A 60 4.92 9.04 -4.99
N GLN A 61 4.85 8.31 -3.87
CA GLN A 61 6.04 7.96 -3.11
C GLN A 61 5.94 6.55 -2.55
N PRO A 62 7.08 5.89 -2.25
CA PRO A 62 7.10 4.53 -1.69
C PRO A 62 6.67 4.52 -0.22
N PHE A 63 5.47 5.04 0.03
CA PHE A 63 4.91 5.13 1.38
C PHE A 63 5.81 4.45 2.41
N PRO A 64 6.86 5.15 2.91
CA PRO A 64 7.81 4.59 3.86
C PRO A 64 7.65 5.11 5.30
N PRO A 65 6.42 5.17 5.86
CA PRO A 65 6.20 5.65 7.22
C PRO A 65 6.46 4.57 8.27
N MET A 1 7.01 1.08 -13.94
CA MET A 1 6.48 1.50 -12.61
C MET A 1 5.04 1.98 -12.71
N ARG A 2 4.10 1.07 -12.50
CA ARG A 2 2.68 1.41 -12.56
C ARG A 2 1.82 0.32 -11.94
N LYS A 3 2.21 -0.13 -10.75
CA LYS A 3 1.46 -1.16 -10.04
C LYS A 3 0.49 -0.52 -9.05
N LYS A 4 -0.63 -0.04 -9.58
CA LYS A 4 -1.64 0.61 -8.76
C LYS A 4 -2.82 -0.31 -8.47
N LEU A 5 -3.02 -0.69 -7.20
CA LEU A 5 -4.11 -1.54 -6.81
C LEU A 5 -4.80 -1.00 -5.56
N ASP A 6 -6.06 -1.37 -5.37
CA ASP A 6 -6.82 -0.91 -4.21
C ASP A 6 -6.33 -1.61 -2.93
N LEU A 7 -5.82 -0.85 -1.95
CA LEU A 7 -5.33 -1.45 -0.71
C LEU A 7 -6.32 -2.49 -0.20
N LYS A 8 -7.59 -2.12 -0.15
CA LYS A 8 -8.64 -3.02 0.31
C LYS A 8 -8.44 -4.41 -0.29
N LYS A 9 -8.24 -4.46 -1.60
CA LYS A 9 -8.02 -5.72 -2.31
C LYS A 9 -6.74 -6.40 -1.83
N PHE A 10 -5.69 -5.62 -1.61
CA PHE A 10 -4.41 -6.17 -1.17
C PHE A 10 -4.49 -6.71 0.26
N VAL A 11 -5.08 -5.93 1.15
CA VAL A 11 -5.21 -6.34 2.54
C VAL A 11 -6.24 -7.46 2.67
N GLU A 12 -7.20 -7.46 1.75
CA GLU A 12 -8.26 -8.46 1.74
C GLU A 12 -7.73 -9.87 1.50
N ASP A 13 -6.49 -9.96 1.03
CA ASP A 13 -5.87 -11.26 0.78
C ASP A 13 -5.96 -12.14 2.02
N LYS A 14 -5.80 -11.51 3.17
CA LYS A 14 -5.87 -12.20 4.46
C LYS A 14 -6.46 -11.26 5.51
N ASN A 15 -5.90 -10.06 5.56
CA ASN A 15 -6.30 -9.02 6.50
C ASN A 15 -5.34 -7.84 6.38
N GLN A 16 -5.71 -6.70 6.95
CA GLN A 16 -4.85 -5.52 6.88
C GLN A 16 -3.46 -5.83 7.44
N GLU A 17 -3.37 -6.95 8.16
CA GLU A 17 -2.12 -7.40 8.75
C GLU A 17 -1.13 -7.80 7.67
N TYR A 18 -1.61 -8.58 6.71
CA TYR A 18 -0.78 -9.06 5.61
C TYR A 18 -0.24 -7.89 4.80
N ALA A 19 -1.13 -6.96 4.47
CA ALA A 19 -0.77 -5.80 3.69
C ALA A 19 0.20 -4.91 4.45
N ALA A 20 -0.04 -4.76 5.74
CA ALA A 20 0.83 -3.94 6.59
C ALA A 20 2.14 -4.69 6.87
N ARG A 21 2.08 -6.00 6.71
CA ARG A 21 3.25 -6.86 6.93
C ARG A 21 4.21 -6.75 5.76
N ALA A 22 3.67 -6.78 4.54
CA ALA A 22 4.47 -6.69 3.34
C ALA A 22 4.87 -5.25 3.06
N LEU A 23 3.88 -4.36 3.01
CA LEU A 23 4.13 -2.95 2.76
C LEU A 23 4.85 -2.30 3.94
N GLY A 24 5.28 -1.06 3.75
CA GLY A 24 5.98 -0.35 4.82
C GLY A 24 5.21 0.88 5.28
N LEU A 25 4.15 0.65 6.05
CA LEU A 25 3.32 1.73 6.56
C LEU A 25 2.54 1.27 7.79
N SER A 26 2.00 2.22 8.54
CA SER A 26 1.23 1.89 9.74
C SER A 26 -0.16 1.37 9.37
N GLN A 27 -0.78 0.64 10.28
CA GLN A 27 -2.10 0.09 10.05
C GLN A 27 -3.14 1.20 9.90
N LYS A 28 -2.99 2.27 10.68
CA LYS A 28 -3.91 3.40 10.60
C LYS A 28 -3.89 3.96 9.19
N LEU A 29 -2.69 4.09 8.64
CA LEU A 29 -2.54 4.60 7.29
C LEU A 29 -3.26 3.68 6.33
N ILE A 30 -3.14 2.38 6.57
CA ILE A 30 -3.82 1.39 5.77
C ILE A 30 -5.30 1.63 5.80
N GLU A 31 -5.76 2.03 6.97
CA GLU A 31 -7.17 2.32 7.16
C GLU A 31 -7.58 3.44 6.24
N GLU A 32 -6.71 4.43 6.18
CA GLU A 32 -6.92 5.61 5.35
C GLU A 32 -7.10 5.20 3.89
N VAL A 33 -6.33 4.21 3.46
CA VAL A 33 -6.37 3.73 2.08
C VAL A 33 -7.45 2.67 1.88
N LEU A 34 -7.82 1.97 2.96
CA LEU A 34 -8.81 0.92 2.90
C LEU A 34 -10.25 1.46 2.96
N LYS A 35 -10.46 2.49 3.78
CA LYS A 35 -11.78 3.08 3.92
C LYS A 35 -12.04 4.13 2.84
N ARG A 36 -11.06 5.00 2.62
CA ARG A 36 -11.19 6.05 1.62
C ARG A 36 -10.87 5.54 0.22
N GLY A 37 -10.25 4.35 0.14
CA GLY A 37 -9.89 3.79 -1.14
C GLY A 37 -8.96 4.69 -1.91
N LEU A 38 -7.85 5.08 -1.28
CA LEU A 38 -6.87 5.96 -1.90
C LEU A 38 -5.96 5.16 -2.84
N PRO A 39 -5.48 5.77 -3.93
CA PRO A 39 -4.60 5.10 -4.89
C PRO A 39 -3.17 4.92 -4.37
N VAL A 40 -2.60 3.76 -4.63
CA VAL A 40 -1.23 3.47 -4.20
C VAL A 40 -0.52 2.61 -5.25
N TYR A 41 0.82 2.70 -5.32
CA TYR A 41 1.57 1.91 -6.28
C TYR A 41 2.62 1.06 -5.58
N VAL A 42 2.23 -0.17 -5.22
CA VAL A 42 3.15 -1.08 -4.55
C VAL A 42 4.02 -1.82 -5.56
N GLU A 43 5.31 -1.53 -5.56
CA GLU A 43 6.26 -2.16 -6.47
C GLU A 43 7.17 -3.16 -5.75
N THR A 44 6.82 -4.45 -5.78
CA THR A 44 7.59 -5.47 -5.09
C THR A 44 8.98 -5.67 -5.70
N ASN A 45 9.91 -6.09 -4.85
CA ASN A 45 11.29 -6.33 -5.27
C ASN A 45 11.43 -7.74 -5.85
N LYS A 46 11.57 -8.72 -4.95
CA LYS A 46 11.71 -10.12 -5.37
C LYS A 46 11.68 -11.05 -4.16
N ASP A 47 12.28 -10.62 -3.06
CA ASP A 47 12.33 -11.42 -1.84
C ASP A 47 11.05 -11.25 -1.02
N GLY A 48 10.18 -10.35 -1.47
CA GLY A 48 8.93 -10.11 -0.76
C GLY A 48 8.76 -8.66 -0.36
N ASN A 49 9.88 -7.95 -0.25
CA ASN A 49 9.85 -6.54 0.12
C ASN A 49 9.19 -5.73 -1.00
N ILE A 50 8.66 -4.57 -0.66
CA ILE A 50 8.02 -3.75 -1.65
C ILE A 50 7.89 -2.30 -1.20
N LYS A 51 7.73 -1.41 -2.18
CA LYS A 51 7.58 0.01 -1.91
C LYS A 51 6.13 0.40 -2.12
N VAL A 52 5.73 1.56 -1.62
CA VAL A 52 4.35 2.00 -1.78
C VAL A 52 4.28 3.42 -2.35
N TYR A 53 4.39 3.55 -3.68
CA TYR A 53 4.31 4.88 -4.29
C TYR A 53 2.86 5.35 -4.31
N ILE A 54 2.32 5.63 -3.13
CA ILE A 54 0.95 6.10 -2.99
C ILE A 54 0.74 7.39 -3.78
N THR A 55 -0.46 7.61 -4.30
CA THR A 55 -0.76 8.81 -5.06
C THR A 55 -1.73 9.71 -4.29
N GLN A 56 -1.22 10.80 -3.73
CA GLN A 56 -2.03 11.74 -2.95
C GLN A 56 -1.53 13.16 -3.16
N ASP A 57 -2.38 14.13 -2.89
CA ASP A 57 -2.05 15.56 -3.06
C ASP A 57 -1.51 15.84 -4.46
N GLY A 58 -1.67 14.87 -5.37
CA GLY A 58 -1.21 15.05 -6.74
C GLY A 58 0.12 14.39 -7.04
N ILE A 59 0.90 14.11 -6.01
CA ILE A 59 2.21 13.48 -6.18
C ILE A 59 2.28 12.14 -5.46
N THR A 60 3.20 11.29 -5.89
CA THR A 60 3.37 9.98 -5.27
C THR A 60 4.60 9.96 -4.37
N GLN A 61 4.65 8.96 -3.49
CA GLN A 61 5.77 8.80 -2.57
C GLN A 61 5.76 7.40 -1.96
N PRO A 62 6.94 6.77 -1.80
CA PRO A 62 7.05 5.43 -1.25
C PRO A 62 7.06 5.40 0.28
N PHE A 63 5.90 5.14 0.87
CA PHE A 63 5.78 5.05 2.32
C PHE A 63 6.97 4.29 2.91
N PRO A 64 7.93 4.98 3.60
CA PRO A 64 9.09 4.32 4.16
C PRO A 64 8.93 3.76 5.60
N PRO A 65 7.78 3.95 6.29
CA PRO A 65 7.63 3.44 7.66
C PRO A 65 7.32 1.94 7.69
N MET A 1 6.93 1.98 -12.67
CA MET A 1 6.34 1.33 -11.45
C MET A 1 4.84 1.60 -11.37
N ARG A 2 4.12 1.25 -12.42
CA ARG A 2 2.67 1.46 -12.47
C ARG A 2 1.93 0.26 -11.88
N LYS A 3 2.32 -0.14 -10.66
CA LYS A 3 1.68 -1.26 -9.99
C LYS A 3 0.64 -0.74 -9.00
N LYS A 4 -0.45 -0.21 -9.54
CA LYS A 4 -1.52 0.33 -8.73
C LYS A 4 -2.63 -0.69 -8.58
N LEU A 5 -3.16 -0.84 -7.36
CA LEU A 5 -4.23 -1.79 -7.12
C LEU A 5 -5.10 -1.36 -5.95
N ASP A 6 -6.32 -1.89 -5.91
CA ASP A 6 -7.25 -1.58 -4.84
C ASP A 6 -6.75 -2.15 -3.52
N LEU A 7 -6.06 -1.33 -2.70
CA LEU A 7 -5.53 -1.81 -1.42
C LEU A 7 -6.56 -2.71 -0.75
N LYS A 8 -7.83 -2.32 -0.83
CA LYS A 8 -8.91 -3.10 -0.24
C LYS A 8 -8.82 -4.56 -0.66
N LYS A 9 -8.68 -4.80 -1.96
CA LYS A 9 -8.58 -6.16 -2.48
C LYS A 9 -7.34 -6.85 -1.90
N PHE A 10 -6.27 -6.07 -1.71
CA PHE A 10 -5.03 -6.61 -1.17
C PHE A 10 -5.20 -6.99 0.30
N VAL A 11 -5.87 -6.12 1.03
CA VAL A 11 -6.15 -6.37 2.45
C VAL A 11 -7.10 -7.54 2.61
N GLU A 12 -8.08 -7.56 1.73
CA GLU A 12 -9.11 -8.59 1.73
C GLU A 12 -8.53 -10.00 1.66
N ASP A 13 -7.27 -10.11 1.25
CA ASP A 13 -6.62 -11.42 1.16
C ASP A 13 -6.67 -12.10 2.53
N LYS A 14 -6.41 -11.32 3.58
CA LYS A 14 -6.45 -11.82 4.94
C LYS A 14 -6.99 -10.75 5.88
N ASN A 15 -6.35 -9.57 5.84
CA ASN A 15 -6.75 -8.43 6.65
C ASN A 15 -5.68 -7.35 6.55
N GLN A 16 -5.74 -6.35 7.43
CA GLN A 16 -4.76 -5.27 7.41
C GLN A 16 -3.40 -5.74 7.88
N GLU A 17 -3.36 -6.90 8.51
CA GLU A 17 -2.11 -7.47 9.01
C GLU A 17 -1.22 -7.87 7.85
N TYR A 18 -1.81 -8.55 6.87
CA TYR A 18 -1.08 -9.01 5.70
C TYR A 18 -0.62 -7.82 4.86
N ALA A 19 -1.53 -6.87 4.69
CA ALA A 19 -1.25 -5.68 3.91
C ALA A 19 -0.16 -4.84 4.57
N ALA A 20 -0.17 -4.82 5.90
CA ALA A 20 0.82 -4.07 6.66
C ALA A 20 2.12 -4.87 6.77
N ARG A 21 2.01 -6.18 6.62
CA ARG A 21 3.15 -7.07 6.69
C ARG A 21 4.00 -6.97 5.43
N ALA A 22 3.32 -6.91 4.28
CA ALA A 22 3.99 -6.82 3.00
C ALA A 22 4.65 -5.46 2.80
N LEU A 23 3.88 -4.39 2.93
CA LEU A 23 4.42 -3.04 2.76
C LEU A 23 5.28 -2.65 3.96
N GLY A 24 4.67 -2.00 4.96
CA GLY A 24 5.42 -1.59 6.13
C GLY A 24 4.69 -0.52 6.93
N LEU A 25 3.98 0.35 6.22
CA LEU A 25 3.23 1.44 6.86
C LEU A 25 2.41 0.91 8.05
N SER A 26 2.01 1.81 8.94
CA SER A 26 1.22 1.42 10.11
C SER A 26 -0.15 0.93 9.67
N GLN A 27 -1.01 0.60 10.64
CA GLN A 27 -2.35 0.13 10.34
C GLN A 27 -3.30 1.28 10.06
N LYS A 28 -3.20 2.35 10.85
CA LYS A 28 -4.07 3.51 10.66
C LYS A 28 -3.90 4.05 9.26
N LEU A 29 -2.65 4.08 8.79
CA LEU A 29 -2.38 4.56 7.46
C LEU A 29 -3.01 3.66 6.43
N ILE A 30 -2.97 2.36 6.70
CA ILE A 30 -3.57 1.38 5.83
C ILE A 30 -5.07 1.61 5.78
N GLU A 31 -5.59 2.17 6.86
CA GLU A 31 -7.01 2.50 6.92
C GLU A 31 -7.29 3.60 5.93
N GLU A 32 -6.40 4.58 5.92
CA GLU A 32 -6.48 5.72 5.04
C GLU A 32 -6.67 5.27 3.59
N VAL A 33 -5.84 4.33 3.15
CA VAL A 33 -5.91 3.84 1.78
C VAL A 33 -7.03 2.82 1.59
N LEU A 34 -7.14 1.92 2.55
CA LEU A 34 -8.13 0.86 2.52
C LEU A 34 -9.58 1.36 2.59
N LYS A 35 -9.95 1.98 3.71
CA LYS A 35 -11.33 2.45 3.91
C LYS A 35 -11.66 3.69 3.07
N ARG A 36 -10.67 4.53 2.80
CA ARG A 36 -10.93 5.76 2.05
C ARG A 36 -10.75 5.55 0.55
N GLY A 37 -10.34 4.35 0.16
CA GLY A 37 -10.14 4.06 -1.25
C GLY A 37 -9.21 5.04 -1.92
N LEU A 38 -8.05 5.25 -1.32
CA LEU A 38 -7.06 6.17 -1.86
C LEU A 38 -6.16 5.43 -2.85
N PRO A 39 -5.63 6.13 -3.88
CA PRO A 39 -4.75 5.51 -4.87
C PRO A 39 -3.39 5.18 -4.27
N VAL A 40 -2.97 3.92 -4.37
CA VAL A 40 -1.70 3.49 -3.81
C VAL A 40 -0.96 2.54 -4.76
N TYR A 41 0.38 2.65 -4.81
CA TYR A 41 1.17 1.79 -5.68
C TYR A 41 2.19 1.01 -4.85
N VAL A 42 2.50 -0.20 -5.30
CA VAL A 42 3.48 -1.03 -4.60
C VAL A 42 4.34 -1.80 -5.61
N GLU A 43 5.64 -1.47 -5.65
CA GLU A 43 6.58 -2.11 -6.57
C GLU A 43 7.53 -3.07 -5.84
N THR A 44 7.21 -4.36 -5.86
CA THR A 44 8.02 -5.37 -5.16
C THR A 44 9.35 -5.60 -5.86
N ASN A 45 10.33 -6.05 -5.07
CA ASN A 45 11.67 -6.33 -5.57
C ASN A 45 11.80 -7.78 -6.02
N LYS A 46 12.14 -8.66 -5.07
CA LYS A 46 12.28 -10.09 -5.37
C LYS A 46 11.77 -10.93 -4.20
N ASP A 47 12.53 -10.95 -3.12
CA ASP A 47 12.16 -11.71 -1.93
C ASP A 47 10.87 -11.17 -1.32
N GLY A 48 10.59 -9.90 -1.57
CA GLY A 48 9.38 -9.30 -1.04
C GLY A 48 9.53 -7.81 -0.76
N ASN A 49 10.76 -7.34 -0.62
CA ASN A 49 11.01 -5.92 -0.36
C ASN A 49 10.27 -5.07 -1.38
N ILE A 50 9.28 -4.32 -0.94
CA ILE A 50 8.52 -3.50 -1.84
C ILE A 50 8.38 -2.05 -1.37
N LYS A 51 8.15 -1.16 -2.32
CA LYS A 51 7.98 0.25 -2.05
C LYS A 51 6.52 0.62 -2.28
N VAL A 52 6.09 1.74 -1.73
CA VAL A 52 4.70 2.15 -1.90
C VAL A 52 4.60 3.52 -2.57
N TYR A 53 4.62 3.55 -3.90
CA TYR A 53 4.49 4.82 -4.61
C TYR A 53 3.04 5.30 -4.60
N ILE A 54 2.55 5.63 -3.42
CA ILE A 54 1.18 6.09 -3.25
C ILE A 54 0.92 7.41 -3.98
N THR A 55 -0.29 7.59 -4.51
CA THR A 55 -0.66 8.82 -5.19
C THR A 55 -1.46 9.70 -4.23
N GLN A 56 -0.76 10.23 -3.24
CA GLN A 56 -1.38 11.07 -2.22
C GLN A 56 -0.83 12.48 -2.28
N ASP A 57 -1.62 13.44 -1.83
CA ASP A 57 -1.21 14.85 -1.82
C ASP A 57 -1.11 15.36 -3.26
N GLY A 58 -1.46 14.50 -4.21
CA GLY A 58 -1.41 14.88 -5.62
C GLY A 58 -0.11 14.47 -6.30
N ILE A 59 0.70 13.67 -5.62
CA ILE A 59 1.97 13.22 -6.17
C ILE A 59 2.28 11.78 -5.78
N THR A 60 3.02 11.08 -6.64
CA THR A 60 3.41 9.71 -6.37
C THR A 60 4.72 9.72 -5.57
N GLN A 61 4.89 8.78 -4.65
CA GLN A 61 6.09 8.72 -3.84
C GLN A 61 6.07 7.52 -2.91
N PRO A 62 7.25 7.04 -2.46
CA PRO A 62 7.35 5.89 -1.56
C PRO A 62 6.91 6.25 -0.15
N PHE A 63 6.09 5.40 0.45
CA PHE A 63 5.63 5.66 1.82
C PHE A 63 6.84 5.87 2.73
N PRO A 64 6.71 6.59 3.86
CA PRO A 64 7.85 6.79 4.77
C PRO A 64 8.31 5.47 5.41
N PRO A 65 7.42 4.73 6.12
CA PRO A 65 7.79 3.45 6.75
C PRO A 65 8.66 2.58 5.85
#